data_9D7U
#
_entry.id   9D7U
#
_cell.length_a   1.00
_cell.length_b   1.00
_cell.length_c   1.00
_cell.angle_alpha   90.00
_cell.angle_beta   90.00
_cell.angle_gamma   90.00
#
_symmetry.space_group_name_H-M   'P 1'
#
loop_
_entity.id
_entity.type
_entity.pdbx_description
1 polymer 'Green fluorescence protein,MFS-type transporter SLC18B1,membrane protein and fusion partners'
2 water water
#
_entity_poly.entity_id   1
_entity_poly.type   'polypeptide(L)'
_entity_poly.pdbx_seq_one_letter_code
;VSKGEELFTGVVPILVELDGDVNGHKFSVSGEGEGDATYGKLTLKLICTTGKLPVPWPTLVTTLGYGLQCFARYPDHMKQ
HDFFKSAMPEGYVQERTIFFKDDGNYKTRAEVKFEGDTLVNRIELKGIDFKEDGNILGHKLEYNYNSHNVYITADKQKNG
IKANFKIRHNIEDGGVQLADHYQQNTPIGDGPVLLPDNHYLSYQSKLSKDPNEKRDHMVLLEFVTAAGITTPGWLSREQV
FVLISAASVNLGSMMCYSILGPFFPKEAEKKGASNTIIGMIFGCFALFELLASLVFGNYLVHIGAKFMFVAGMFVSGGVT
ILFGVLDRVPDGPVFIAMCFLVRVMDAVSFAAAMTASSSILAKAFPNNVATVLGSLETFSGLGLILGPPVGGFLYQSFGY
EVPFIVLGCVVLLMVPLNMYILPNYESDPGEHSFWKLIALPKVGLIAFVINSLSSCFGFLDPTLSLFVLEKFNLPAGYVG
LVFLGMALSYAISSPLFGLLSDKRPPLRKWLLVFGNLITAGCYMLLGPVPILHIKSQLWLLVLILVVSGLSAGMSIIPTF
PEILSCAHENGFEEGLSTLGLVSGLFSAMWSIGAFMGPTLGGFLYEKIGFEWAAAIQGLWALISGLAMGLFYLLEYSQVQ
LVESGGALVQPGGSLRLSCAASGFPVNRYSMRWYRQAPGKEREWVAGMSSAGDRSSYEDSVKGRFTISRDDARNTVYLQM
NSLKPEDTAVYYCNVNVGFEYWGQGTQVTVS
;
_entity_poly.pdbx_strand_id   A
#
# COMPACT_ATOMS: atom_id res chain seq x y z
N VAL A 1 -19.34 -0.22 23.04
CA VAL A 1 -20.52 0.43 22.50
C VAL A 1 -20.81 1.72 23.26
N SER A 2 -20.85 2.85 22.54
CA SER A 2 -21.11 4.14 23.15
C SER A 2 -21.75 5.05 22.13
N LYS A 3 -22.38 6.12 22.64
CA LYS A 3 -23.10 7.05 21.77
C LYS A 3 -22.15 7.85 20.90
N GLY A 4 -21.00 8.24 21.44
CA GLY A 4 -20.01 8.99 20.71
C GLY A 4 -19.00 8.17 19.94
N GLU A 5 -19.19 6.85 19.86
CA GLU A 5 -18.23 5.99 19.17
C GLU A 5 -18.25 6.22 17.66
N GLU A 6 -19.43 6.39 17.07
CA GLU A 6 -19.53 6.60 15.62
C GLU A 6 -19.22 8.03 15.21
N LEU A 7 -19.36 8.99 16.12
CA LEU A 7 -19.00 10.38 15.86
C LEU A 7 -17.54 10.66 16.13
N PHE A 8 -16.78 9.66 16.59
CA PHE A 8 -15.41 9.89 17.01
C PHE A 8 -14.46 10.00 15.83
N THR A 9 -14.86 9.51 14.66
CA THR A 9 -14.03 9.55 13.46
C THR A 9 -13.96 10.97 12.90
N GLY A 10 -13.16 11.12 11.84
CA GLY A 10 -12.90 12.42 11.27
C GLY A 10 -11.88 13.18 12.11
N VAL A 11 -11.74 14.46 11.79
CA VAL A 11 -10.88 15.32 12.61
C VAL A 11 -11.61 15.70 13.88
N VAL A 12 -10.89 15.68 15.00
CA VAL A 12 -11.40 16.10 16.31
C VAL A 12 -10.38 17.05 16.91
N PRO A 13 -10.66 18.34 17.04
CA PRO A 13 -9.70 19.26 17.65
C PRO A 13 -9.50 19.01 19.14
N ILE A 14 -8.28 19.31 19.61
CA ILE A 14 -7.81 18.97 20.94
C ILE A 14 -7.27 20.21 21.61
N LEU A 15 -7.60 20.39 22.89
CA LEU A 15 -7.01 21.41 23.75
C LEU A 15 -6.13 20.68 24.77
N VAL A 16 -4.89 21.15 24.94
CA VAL A 16 -3.91 20.46 25.78
C VAL A 16 -3.36 21.45 26.81
N GLU A 17 -3.43 21.08 28.09
CA GLU A 17 -2.91 21.88 29.19
C GLU A 17 -1.84 21.10 29.96
N LEU A 18 -0.97 21.86 30.63
CA LEU A 18 0.12 21.31 31.42
C LEU A 18 0.55 22.33 32.46
N ASP A 19 0.51 21.95 33.73
CA ASP A 19 1.25 22.64 34.78
C ASP A 19 2.11 21.64 35.53
N GLY A 20 3.33 22.05 35.87
CA GLY A 20 4.25 21.09 36.42
C GLY A 20 5.28 21.66 37.38
N ASP A 21 5.65 20.84 38.36
CA ASP A 21 6.58 21.25 39.41
C ASP A 21 7.64 20.15 39.49
N VAL A 22 8.74 20.35 38.78
CA VAL A 22 9.85 19.39 38.75
C VAL A 22 11.00 20.00 39.53
N ASN A 23 11.40 19.31 40.61
CA ASN A 23 12.54 19.66 41.46
C ASN A 23 12.42 21.08 42.02
N GLY A 24 11.22 21.45 42.42
CA GLY A 24 10.96 22.79 42.92
C GLY A 24 10.87 23.85 41.85
N HIS A 25 10.77 23.47 40.58
CA HIS A 25 10.68 24.41 39.47
C HIS A 25 9.31 24.28 38.84
N LYS A 26 8.60 25.40 38.75
CA LYS A 26 7.23 25.43 38.24
C LYS A 26 7.21 25.98 36.82
N PHE A 27 6.43 25.34 35.96
CA PHE A 27 6.27 25.81 34.58
C PHE A 27 4.93 25.31 34.05
N SER A 28 4.60 25.74 32.83
CA SER A 28 3.31 25.43 32.24
C SER A 28 3.41 25.46 30.72
N VAL A 29 2.70 24.53 30.08
CA VAL A 29 2.67 24.39 28.63
C VAL A 29 1.21 24.27 28.19
N SER A 30 0.82 25.04 27.17
CA SER A 30 -0.51 24.92 26.63
C SER A 30 -0.43 24.84 25.11
N GLY A 31 -1.40 24.18 24.50
CA GLY A 31 -1.37 24.04 23.05
C GLY A 31 -2.64 23.43 22.49
N GLU A 32 -2.60 23.24 21.18
CA GLU A 32 -3.76 22.79 20.41
C GLU A 32 -3.31 21.84 19.31
N GLY A 33 -4.26 21.03 18.85
CA GLY A 33 -3.96 20.11 17.77
C GLY A 33 -5.18 19.28 17.43
N GLU A 34 -4.97 18.32 16.54
CA GLU A 34 -6.02 17.42 16.08
C GLU A 34 -5.38 16.19 15.46
N GLY A 35 -6.21 15.18 15.18
CA GLY A 35 -5.76 13.98 14.53
C GLY A 35 -6.92 13.13 14.04
N ASP A 36 -6.76 11.81 14.04
CA ASP A 36 -7.81 10.94 13.53
C ASP A 36 -7.71 9.59 14.22
N ALA A 37 -8.84 8.88 14.26
CA ALA A 37 -8.87 7.49 14.71
C ALA A 37 -8.83 6.50 13.56
N THR A 38 -9.20 6.91 12.35
CA THR A 38 -9.11 6.05 11.17
C THR A 38 -7.75 6.19 10.52
N TYR A 39 -7.27 7.43 10.35
CA TYR A 39 -5.92 7.63 9.84
C TYR A 39 -4.89 7.23 10.89
N GLY A 40 -5.08 7.70 12.12
CA GLY A 40 -4.18 7.42 13.22
C GLY A 40 -3.17 8.49 13.53
N LYS A 41 -3.17 9.59 12.79
CA LYS A 41 -2.19 10.65 13.02
C LYS A 41 -2.57 11.46 14.25
N LEU A 42 -1.59 12.20 14.77
CA LEU A 42 -1.83 13.09 15.90
C LEU A 42 -0.80 14.20 15.83
N THR A 43 -1.22 15.37 15.37
CA THR A 43 -0.34 16.53 15.23
C THR A 43 -0.60 17.47 16.39
N LEU A 44 0.44 17.82 17.13
CA LEU A 44 0.29 18.67 18.30
C LEU A 44 1.43 19.68 18.34
N LYS A 45 1.07 20.96 18.26
CA LYS A 45 2.04 22.05 18.33
C LYS A 45 1.93 22.65 19.72
N LEU A 46 2.94 22.42 20.54
CA LEU A 46 2.94 22.86 21.92
C LEU A 46 3.89 24.04 22.08
N ILE A 47 3.44 25.05 22.82
CA ILE A 47 4.21 26.26 23.08
C ILE A 47 4.25 26.47 24.58
N CYS A 48 5.46 26.66 25.13
CA CYS A 48 5.60 26.96 26.55
C CYS A 48 5.01 28.32 26.88
N THR A 49 4.20 28.36 27.92
CA THR A 49 3.59 29.61 28.39
C THR A 49 4.41 30.30 29.46
N THR A 50 5.57 29.76 29.82
CA THR A 50 6.42 30.33 30.85
C THR A 50 7.74 30.86 30.30
N GLY A 51 8.48 30.04 29.57
CA GLY A 51 9.75 30.47 29.02
C GLY A 51 10.75 29.36 28.81
N LYS A 52 11.95 29.52 29.37
CA LYS A 52 12.99 28.51 29.25
C LYS A 52 12.63 27.28 30.08
N LEU A 53 12.74 26.11 29.46
CA LEU A 53 12.31 24.88 30.09
C LEU A 53 13.37 24.38 31.06
N PRO A 54 13.00 24.03 32.29
CA PRO A 54 13.93 23.33 33.18
C PRO A 54 14.08 21.84 32.90
N VAL A 55 13.47 21.33 31.83
CA VAL A 55 13.61 19.93 31.42
C VAL A 55 13.95 19.88 29.94
N PRO A 56 14.60 18.80 29.52
CA PRO A 56 14.70 18.53 28.07
C PRO A 56 13.34 18.20 27.48
N TRP A 57 13.22 18.45 26.18
CA TRP A 57 11.94 18.28 25.50
C TRP A 57 11.42 16.84 25.43
N PRO A 58 12.18 15.81 25.01
CA PRO A 58 11.55 14.47 24.86
C PRO A 58 11.07 13.86 26.16
N THR A 59 11.64 14.27 27.29
CA THR A 59 11.19 13.82 28.60
C THR A 59 9.75 14.26 28.88
N LEU A 60 9.30 15.36 28.27
CA LEU A 60 7.89 15.72 28.38
C LEU A 60 7.01 15.08 27.31
N VAL A 61 7.59 14.59 26.20
CA VAL A 61 6.78 14.04 25.11
C VAL A 61 5.99 12.83 25.58
N THR A 62 6.64 11.99 26.39
CA THR A 62 5.98 10.81 26.95
C THR A 62 4.85 11.13 27.90
N THR A 63 4.77 12.35 28.45
CA THR A 63 3.60 12.69 29.23
C THR A 63 2.69 13.69 28.54
N LEU A 64 2.95 14.01 27.27
CA LEU A 64 2.03 14.83 26.50
C LEU A 64 1.42 14.10 25.31
N GLY A 65 2.09 13.08 24.80
CA GLY A 65 1.52 12.28 23.73
C GLY A 65 0.91 11.01 24.24
N TYR A 66 1.64 10.30 25.12
CA TYR A 66 1.11 9.08 25.71
C TYR A 66 0.08 9.40 26.78
N GLY A 67 0.02 10.66 27.24
CA GLY A 67 -1.12 11.08 28.03
C GLY A 67 -2.37 11.29 27.21
N LEU A 68 -2.22 11.60 25.92
CA LEU A 68 -3.34 11.77 25.00
C LEU A 68 -3.50 10.54 24.12
N GLN A 69 -4.05 9.47 24.71
CA GLN A 69 -4.26 8.24 23.97
C GLN A 69 -5.71 8.00 23.58
N CYS A 70 -6.53 9.05 23.49
CA CYS A 70 -7.88 8.87 22.98
C CYS A 70 -7.86 8.49 21.50
N PHE A 71 -6.84 8.96 20.76
CA PHE A 71 -6.73 8.67 19.34
C PHE A 71 -5.88 7.42 19.19
N ALA A 72 -6.53 6.29 18.96
CA ALA A 72 -5.84 5.02 18.82
C ALA A 72 -6.48 4.25 17.67
N ARG A 73 -5.70 3.93 16.66
CA ARG A 73 -6.19 3.21 15.49
C ARG A 73 -6.12 1.71 15.79
N TYR A 74 -7.28 1.10 16.04
CA TYR A 74 -7.25 -0.31 16.40
C TYR A 74 -7.66 -1.18 15.21
N PRO A 75 -7.11 -2.41 15.11
CA PRO A 75 -7.55 -3.32 14.04
C PRO A 75 -8.91 -3.93 14.30
N ASP A 76 -9.39 -4.75 13.34
CA ASP A 76 -10.77 -5.22 13.29
C ASP A 76 -11.18 -6.08 14.47
N HIS A 77 -10.38 -7.09 14.79
CA HIS A 77 -10.71 -7.93 15.94
C HIS A 77 -10.43 -7.25 17.26
N MET A 78 -9.68 -6.14 17.25
CA MET A 78 -9.38 -5.39 18.46
C MET A 78 -10.31 -4.19 18.66
N LYS A 79 -11.29 -3.98 17.76
CA LYS A 79 -12.21 -2.86 17.89
C LYS A 79 -13.14 -3.00 19.08
N GLN A 80 -13.34 -4.21 19.57
CA GLN A 80 -14.12 -4.42 20.79
C GLN A 80 -13.37 -3.93 22.02
N HIS A 81 -12.04 -3.95 21.98
CA HIS A 81 -11.20 -3.77 23.16
C HIS A 81 -10.74 -2.33 23.35
N ASP A 82 -11.56 -1.35 22.95
CA ASP A 82 -11.18 0.06 23.09
C ASP A 82 -11.61 0.58 24.45
N PHE A 83 -10.65 0.73 25.36
CA PHE A 83 -10.93 1.32 26.66
C PHE A 83 -10.70 2.81 26.66
N PHE A 84 -9.79 3.30 25.83
CA PHE A 84 -9.57 4.74 25.73
C PHE A 84 -10.70 5.43 24.97
N LYS A 85 -11.29 4.72 24.02
CA LYS A 85 -12.42 5.20 23.25
C LYS A 85 -13.75 4.76 23.82
N SER A 86 -13.75 4.18 25.03
CA SER A 86 -14.93 3.53 25.57
C SER A 86 -16.03 4.53 25.90
N ALA A 87 -15.65 5.66 26.50
CA ALA A 87 -16.60 6.72 26.81
C ALA A 87 -15.83 8.04 26.84
N MET A 88 -15.96 8.83 25.78
CA MET A 88 -15.39 10.17 25.80
C MET A 88 -16.17 11.25 26.56
N PRO A 89 -17.57 11.38 26.50
CA PRO A 89 -18.18 12.65 26.95
C PRO A 89 -18.22 12.82 28.46
N GLU A 90 -17.69 11.86 29.20
CA GLU A 90 -17.58 11.94 30.65
C GLU A 90 -16.17 12.28 31.12
N GLY A 91 -15.15 11.70 30.52
CA GLY A 91 -13.77 11.97 30.90
C GLY A 91 -13.18 10.84 31.72
N TYR A 92 -11.84 10.75 31.68
CA TYR A 92 -11.14 9.67 32.36
C TYR A 92 -9.83 10.19 32.95
N VAL A 93 -9.30 9.44 33.92
CA VAL A 93 -8.09 9.84 34.62
C VAL A 93 -7.01 8.77 34.48
N GLN A 94 -5.77 9.23 34.54
CA GLN A 94 -4.60 8.39 34.31
C GLN A 94 -3.53 8.77 35.33
N GLU A 95 -3.08 7.81 36.12
CA GLU A 95 -2.01 8.02 37.08
C GLU A 95 -0.77 7.30 36.59
N ARG A 96 0.31 8.04 36.40
CA ARG A 96 1.55 7.46 35.90
C ARG A 96 2.66 7.65 36.92
N THR A 97 3.38 6.56 37.17
CA THR A 97 4.62 6.59 37.94
C THR A 97 5.76 6.42 36.94
N ILE A 98 6.68 7.39 36.91
CA ILE A 98 7.78 7.39 35.98
C ILE A 98 9.07 7.33 36.77
N PHE A 99 9.86 6.27 36.55
CA PHE A 99 11.16 6.11 37.16
C PHE A 99 12.26 6.23 36.12
N PHE A 100 13.42 6.70 36.57
CA PHE A 100 14.62 6.78 35.76
C PHE A 100 15.64 5.83 36.37
N LYS A 101 16.65 5.44 35.59
CA LYS A 101 17.67 4.52 36.10
C LYS A 101 18.60 5.31 37.02
N ASP A 102 18.53 4.99 38.32
CA ASP A 102 19.39 5.55 39.38
C ASP A 102 19.29 7.08 39.50
N ASP A 103 18.16 7.63 39.08
CA ASP A 103 17.93 9.08 39.10
C ASP A 103 16.55 9.35 39.68
N GLY A 104 16.10 10.60 39.52
CA GLY A 104 14.88 11.05 40.15
C GLY A 104 13.64 10.52 39.46
N ASN A 105 12.50 10.94 39.98
CA ASN A 105 11.23 10.35 39.55
C ASN A 105 10.15 11.39 39.29
N TYR A 106 9.20 10.99 38.45
CA TYR A 106 8.03 11.79 38.08
C TYR A 106 6.78 11.07 38.57
N LYS A 107 5.81 11.84 39.06
CA LYS A 107 4.47 11.32 39.31
C LYS A 107 3.48 12.25 38.62
N THR A 108 2.63 11.72 37.76
CA THR A 108 1.66 12.59 37.10
C THR A 108 0.24 12.03 37.15
N ARG A 109 -0.71 12.97 37.15
CA ARG A 109 -2.14 12.69 37.15
C ARG A 109 -2.77 13.43 35.98
N ALA A 110 -3.65 12.74 35.25
CA ALA A 110 -4.20 13.23 33.99
C ALA A 110 -5.71 13.16 34.05
N GLU A 111 -6.36 14.27 33.70
CA GLU A 111 -7.80 14.33 33.54
C GLU A 111 -8.13 14.75 32.12
N VAL A 112 -8.94 13.96 31.42
CA VAL A 112 -9.32 14.26 30.05
C VAL A 112 -10.84 14.30 29.97
N LYS A 113 -11.38 15.41 29.45
CA LYS A 113 -12.83 15.54 29.25
C LYS A 113 -13.12 15.81 27.79
N PHE A 114 -14.38 15.64 27.40
CA PHE A 114 -14.85 15.89 26.04
C PHE A 114 -16.08 16.78 26.12
N GLU A 115 -15.91 18.06 25.77
CA GLU A 115 -17.02 19.00 25.76
C GLU A 115 -17.35 19.38 24.32
N GLY A 116 -18.60 19.19 23.93
CA GLY A 116 -19.02 19.56 22.60
C GLY A 116 -18.44 18.67 21.53
N ASP A 117 -17.45 19.19 20.80
CA ASP A 117 -16.75 18.45 19.76
C ASP A 117 -15.26 18.31 20.09
N THR A 118 -14.79 19.03 21.12
CA THR A 118 -13.36 19.15 21.39
C THR A 118 -12.99 18.39 22.66
N LEU A 119 -11.69 18.09 22.76
CA LEU A 119 -11.12 17.31 23.85
C LEU A 119 -10.18 18.17 24.68
N VAL A 120 -10.32 18.13 26.01
CA VAL A 120 -9.46 18.88 26.90
C VAL A 120 -8.63 17.90 27.73
N ASN A 121 -7.34 18.20 27.82
CA ASN A 121 -6.35 17.41 28.54
C ASN A 121 -5.72 18.28 29.62
N ARG A 122 -5.73 17.78 30.86
CA ARG A 122 -5.15 18.49 31.99
C ARG A 122 -4.16 17.56 32.66
N ILE A 123 -2.89 17.96 32.69
CA ILE A 123 -1.79 17.16 33.21
C ILE A 123 -1.22 17.88 34.40
N GLU A 124 -0.95 17.15 35.48
CA GLU A 124 -0.15 17.72 36.57
C GLU A 124 0.89 16.71 37.01
N LEU A 125 2.13 17.16 37.22
CA LEU A 125 3.21 16.25 37.60
C LEU A 125 4.10 16.86 38.66
N LYS A 126 4.76 15.97 39.40
CA LYS A 126 5.71 16.33 40.45
C LYS A 126 7.01 15.57 40.21
N GLY A 127 8.12 16.29 40.20
CA GLY A 127 9.42 15.71 39.91
C GLY A 127 10.41 15.88 41.04
N ILE A 128 11.02 14.77 41.49
CA ILE A 128 11.78 14.74 42.72
C ILE A 128 13.18 14.17 42.45
N ASP A 129 14.17 14.79 43.12
CA ASP A 129 15.55 14.30 43.27
C ASP A 129 16.36 14.29 41.98
N PHE A 130 16.44 15.46 41.35
CA PHE A 130 17.16 15.62 40.09
C PHE A 130 18.40 16.49 40.28
N LYS A 131 19.45 16.15 39.54
CA LYS A 131 20.77 16.74 39.67
C LYS A 131 21.07 17.63 38.48
N GLU A 132 21.79 18.73 38.74
CA GLU A 132 22.15 19.64 37.67
C GLU A 132 23.26 19.09 36.78
N ASP A 133 24.19 18.32 37.36
CA ASP A 133 25.35 17.81 36.63
C ASP A 133 25.11 16.47 35.95
N GLY A 134 23.90 15.93 36.01
CA GLY A 134 23.63 14.61 35.47
C GLY A 134 23.37 14.58 33.98
N ASN A 135 22.73 13.51 33.51
CA ASN A 135 22.38 13.37 32.10
C ASN A 135 21.20 14.25 31.70
N ILE A 136 20.36 14.66 32.64
CA ILE A 136 19.11 15.33 32.30
C ILE A 136 19.30 16.84 32.23
N LEU A 137 19.68 17.45 33.35
CA LEU A 137 19.70 18.91 33.46
C LEU A 137 20.84 19.55 32.71
N GLY A 138 21.79 18.77 32.19
CA GLY A 138 22.84 19.31 31.37
C GLY A 138 22.46 19.53 29.92
N HIS A 139 21.17 19.37 29.60
CA HIS A 139 20.61 19.44 28.24
C HIS A 139 21.31 18.45 27.32
N LYS A 140 21.59 17.26 27.84
CA LYS A 140 22.30 16.22 27.11
C LYS A 140 21.37 15.32 26.31
N LEU A 141 20.13 15.70 26.12
CA LEU A 141 19.15 14.86 25.44
C LEU A 141 19.05 15.34 24.00
N GLU A 142 19.37 14.44 23.06
CA GLU A 142 19.28 14.79 21.65
C GLU A 142 17.82 14.95 21.24
N TYR A 143 17.57 15.87 20.32
CA TYR A 143 16.20 16.25 19.95
C TYR A 143 15.68 15.29 18.89
N ASN A 144 15.55 14.03 19.30
CA ASN A 144 15.00 12.95 18.48
C ASN A 144 14.22 12.05 19.41
N TYR A 145 13.39 11.18 18.84
CA TYR A 145 12.64 10.27 19.68
C TYR A 145 12.41 8.98 18.91
N ASN A 146 12.35 7.87 19.65
CA ASN A 146 12.37 6.54 19.06
C ASN A 146 10.95 5.96 19.00
N SER A 147 10.87 4.68 18.66
CA SER A 147 9.61 3.95 18.57
C SER A 147 9.58 2.90 19.68
N HIS A 148 8.53 2.95 20.50
CA HIS A 148 8.41 2.08 21.67
C HIS A 148 7.03 1.42 21.71
N ASN A 149 6.99 0.26 22.33
CA ASN A 149 5.74 -0.47 22.53
C ASN A 149 5.19 -0.20 23.91
N VAL A 150 3.86 -0.06 23.98
CA VAL A 150 3.12 0.11 25.22
C VAL A 150 2.39 -1.19 25.50
N TYR A 151 2.64 -1.80 26.66
CA TYR A 151 2.01 -3.07 26.99
C TYR A 151 0.85 -2.84 27.94
N ILE A 152 -0.37 -3.11 27.48
CA ILE A 152 -1.59 -2.81 28.23
C ILE A 152 -2.25 -4.12 28.63
N THR A 153 -2.59 -4.24 29.91
CA THR A 153 -3.50 -5.28 30.38
C THR A 153 -4.58 -4.61 31.22
N ALA A 154 -5.65 -5.33 31.52
CA ALA A 154 -6.76 -4.76 32.26
C ALA A 154 -6.87 -5.39 33.64
N ASP A 155 -7.59 -4.70 34.53
CA ASP A 155 -7.97 -5.25 35.82
C ASP A 155 -9.39 -4.82 36.16
N LYS A 156 -10.17 -5.77 36.67
CA LYS A 156 -11.56 -5.54 37.01
C LYS A 156 -11.76 -5.14 38.46
N GLN A 157 -10.68 -5.06 39.25
CA GLN A 157 -10.80 -4.63 40.63
C GLN A 157 -11.19 -3.16 40.72
N LYS A 158 -10.63 -2.32 39.86
CA LYS A 158 -10.94 -0.90 39.80
C LYS A 158 -11.46 -0.51 38.43
N ASN A 159 -12.08 -1.47 37.73
CA ASN A 159 -12.61 -1.42 36.35
C ASN A 159 -11.72 -0.66 35.36
N GLY A 160 -10.41 -0.84 35.45
CA GLY A 160 -9.49 -0.06 34.64
C GLY A 160 -8.44 -0.90 33.95
N ILE A 161 -7.35 -0.25 33.53
CA ILE A 161 -6.24 -0.95 32.89
C ILE A 161 -4.95 -0.53 33.57
N LYS A 162 -3.96 -1.40 33.55
CA LYS A 162 -2.62 -1.05 33.95
C LYS A 162 -1.64 -1.42 32.84
N ALA A 163 -0.63 -0.59 32.66
CA ALA A 163 0.22 -0.68 31.50
C ALA A 163 1.66 -0.41 31.90
N ASN A 164 2.58 -0.86 31.07
CA ASN A 164 4.00 -0.59 31.29
C ASN A 164 4.66 -0.32 29.95
N PHE A 165 5.59 0.63 29.96
CA PHE A 165 6.48 0.81 28.81
C PHE A 165 7.80 1.46 29.20
N LYS A 166 8.88 0.94 28.61
CA LYS A 166 10.23 1.43 28.85
C LYS A 166 10.69 2.20 27.63
N ILE A 167 11.18 3.41 27.84
CA ILE A 167 11.54 4.31 26.75
C ILE A 167 13.05 4.55 26.76
N ARG A 168 13.66 4.44 25.59
CA ARG A 168 15.05 4.77 25.39
C ARG A 168 15.17 6.19 24.87
N HIS A 169 15.70 7.08 25.70
CA HIS A 169 16.07 8.43 25.29
C HIS A 169 17.52 8.43 24.79
N ASN A 170 17.77 9.07 23.67
CA ASN A 170 19.14 9.20 23.18
C ASN A 170 19.91 10.27 23.97
N ILE A 171 21.23 10.11 24.02
CA ILE A 171 22.13 11.00 24.76
C ILE A 171 23.17 11.52 23.76
N GLU A 172 23.56 12.79 23.94
CA GLU A 172 24.62 13.36 23.10
C GLU A 172 25.97 12.68 23.33
N ASP A 173 26.19 12.12 24.51
CA ASP A 173 27.35 11.26 24.75
C ASP A 173 27.27 9.99 23.90
N GLY A 174 26.05 9.51 23.62
CA GLY A 174 25.82 8.39 22.72
C GLY A 174 24.90 7.34 23.32
N GLY A 175 24.82 7.28 24.64
CA GLY A 175 24.06 6.25 25.32
C GLY A 175 22.57 6.48 25.33
N VAL A 176 21.85 5.69 26.11
CA VAL A 176 20.41 5.84 26.23
C VAL A 176 20.05 5.95 27.71
N GLN A 177 18.95 6.61 27.97
CA GLN A 177 18.38 6.71 29.31
C GLN A 177 17.06 5.96 29.32
N LEU A 178 16.91 5.03 30.26
CA LEU A 178 15.77 4.15 30.35
C LEU A 178 14.73 4.78 31.27
N ALA A 179 13.58 5.12 30.72
CA ALA A 179 12.47 5.63 31.49
C ALA A 179 11.44 4.52 31.66
N ASP A 180 11.26 4.07 32.90
CA ASP A 180 10.21 3.13 33.23
C ASP A 180 8.91 3.90 33.40
N HIS A 181 7.86 3.44 32.74
CA HIS A 181 6.53 4.04 32.87
C HIS A 181 5.56 2.99 33.33
N TYR A 182 4.97 3.21 34.52
CA TYR A 182 3.87 2.43 35.04
C TYR A 182 2.60 3.24 34.95
N GLN A 183 1.54 2.64 34.41
CA GLN A 183 0.29 3.33 34.12
C GLN A 183 -0.87 2.65 34.84
N GLN A 184 -1.70 3.45 35.51
CA GLN A 184 -2.97 3.01 36.07
C GLN A 184 -4.04 3.95 35.50
N ASN A 185 -4.90 3.44 34.61
CA ASN A 185 -5.86 4.26 33.90
C ASN A 185 -7.26 3.78 34.26
N THR A 186 -8.09 4.71 34.76
CA THR A 186 -9.45 4.45 35.18
C THR A 186 -10.40 5.49 34.60
N PRO A 187 -11.70 5.16 34.44
CA PRO A 187 -12.66 6.20 34.02
C PRO A 187 -13.38 6.84 35.20
N ILE A 188 -13.70 8.14 35.06
CA ILE A 188 -14.37 8.85 36.15
C ILE A 188 -15.82 8.40 36.29
N GLY A 189 -16.53 8.29 35.17
CA GLY A 189 -17.93 7.94 35.22
C GLY A 189 -18.16 6.47 35.50
N ASP A 190 -19.39 6.16 35.89
CA ASP A 190 -19.80 4.79 36.19
C ASP A 190 -20.39 4.09 34.98
N GLY A 191 -19.96 4.45 33.78
CA GLY A 191 -20.55 3.93 32.58
C GLY A 191 -20.04 2.53 32.27
N PRO A 192 -20.44 2.01 31.10
CA PRO A 192 -19.99 0.67 30.69
C PRO A 192 -18.49 0.64 30.45
N VAL A 193 -17.86 -0.46 30.85
CA VAL A 193 -16.42 -0.64 30.74
C VAL A 193 -16.17 -1.64 29.62
N LEU A 194 -15.20 -1.33 28.76
CA LEU A 194 -14.81 -2.21 27.67
C LEU A 194 -13.42 -2.73 27.98
N LEU A 195 -13.37 -3.83 28.71
CA LEU A 195 -12.12 -4.37 29.25
C LEU A 195 -11.27 -4.99 28.15
N PRO A 196 -10.02 -4.56 27.99
CA PRO A 196 -9.15 -5.17 26.97
C PRO A 196 -8.54 -6.47 27.49
N ASP A 197 -7.97 -7.22 26.56
CA ASP A 197 -7.10 -8.33 26.88
C ASP A 197 -5.66 -7.83 26.93
N ASN A 198 -4.70 -8.75 26.93
CA ASN A 198 -3.30 -8.38 26.83
C ASN A 198 -3.02 -7.89 25.42
N HIS A 199 -2.66 -6.63 25.28
CA HIS A 199 -2.31 -6.14 23.93
C HIS A 199 -1.22 -5.08 24.04
N TYR A 200 -0.80 -4.55 22.91
CA TYR A 200 0.26 -3.55 22.89
C TYR A 200 0.00 -2.54 21.79
N LEU A 201 0.52 -1.34 22.00
CA LEU A 201 0.45 -0.24 21.05
C LEU A 201 1.83 0.09 20.54
N SER A 202 1.90 0.50 19.27
CA SER A 202 3.14 0.89 18.63
C SER A 202 3.08 2.36 18.26
N TYR A 203 4.19 3.07 18.48
CA TYR A 203 4.28 4.50 18.22
C TYR A 203 5.34 4.78 17.18
N GLN A 204 5.15 5.85 16.42
CA GLN A 204 6.15 6.38 15.48
C GLN A 204 6.08 7.90 15.59
N SER A 205 7.02 8.49 16.29
CA SER A 205 6.93 9.91 16.64
C SER A 205 7.99 10.73 15.94
N LYS A 206 7.56 11.87 15.40
CA LYS A 206 8.42 12.90 14.87
C LYS A 206 8.68 13.93 15.96
N LEU A 207 9.71 14.76 15.75
CA LEU A 207 10.05 15.79 16.73
C LEU A 207 10.78 16.90 15.98
N SER A 208 10.08 18.01 15.73
CA SER A 208 10.60 19.08 14.90
C SER A 208 10.27 20.43 15.50
N LYS A 209 10.99 21.46 15.05
CA LYS A 209 10.78 22.83 15.49
C LYS A 209 10.46 23.72 14.30
N ASP A 210 9.39 24.51 14.43
CA ASP A 210 9.03 25.51 13.44
C ASP A 210 9.71 26.82 13.78
N PRO A 211 10.44 27.44 12.86
CA PRO A 211 11.16 28.69 13.20
C PRO A 211 10.24 29.88 13.41
N ASN A 212 9.02 29.86 12.88
CA ASN A 212 8.12 31.01 12.98
C ASN A 212 7.49 31.14 14.36
N GLU A 213 7.52 30.10 15.18
CA GLU A 213 7.13 30.22 16.58
C GLU A 213 8.36 30.65 17.36
N LYS A 214 8.29 31.85 17.95
CA LYS A 214 9.49 32.45 18.54
C LYS A 214 9.86 31.81 19.87
N ARG A 215 8.88 31.44 20.68
CA ARG A 215 9.17 30.94 22.02
C ARG A 215 9.60 29.47 21.96
N ASP A 216 9.84 28.91 23.14
CA ASP A 216 10.18 27.48 23.23
C ASP A 216 8.95 26.66 22.91
N HIS A 217 9.11 25.67 22.02
CA HIS A 217 7.97 24.99 21.42
C HIS A 217 8.41 23.63 20.91
N MET A 218 7.45 22.79 20.57
CA MET A 218 7.73 21.57 19.83
C MET A 218 6.53 21.19 18.97
N VAL A 219 6.80 20.36 17.96
CA VAL A 219 5.80 19.87 17.03
C VAL A 219 5.84 18.34 17.06
N LEU A 220 4.67 17.73 17.25
CA LEU A 220 4.53 16.28 17.29
C LEU A 220 3.71 15.82 16.10
N LEU A 221 4.22 14.81 15.41
CA LEU A 221 3.53 14.18 14.29
C LEU A 221 3.47 12.70 14.62
N GLU A 222 2.94 12.40 15.81
CA GLU A 222 2.83 11.03 16.29
C GLU A 222 1.91 10.21 15.40
N PHE A 223 2.32 8.96 15.14
CA PHE A 223 1.49 7.98 14.46
C PHE A 223 1.37 6.76 15.36
N VAL A 224 0.16 6.42 15.75
CA VAL A 224 -0.09 5.34 16.70
C VAL A 224 -0.83 4.21 15.98
N THR A 225 -0.34 2.99 16.15
CA THR A 225 -1.01 1.79 15.66
C THR A 225 -1.21 0.82 16.82
N ALA A 226 -2.08 -0.17 16.60
CA ALA A 226 -2.40 -1.16 17.62
C ALA A 226 -2.26 -2.57 17.08
N ALA A 227 -2.06 -3.51 17.99
CA ALA A 227 -1.92 -4.94 17.72
C ALA A 227 -2.13 -5.67 19.03
N GLY A 228 -1.79 -6.97 19.07
CA GLY A 228 -1.76 -7.68 20.32
C GLY A 228 -2.32 -9.10 20.36
N ILE A 229 -3.36 -9.37 19.57
CA ILE A 229 -4.01 -10.68 19.54
C ILE A 229 -3.91 -11.23 18.14
N THR A 230 -3.43 -12.47 18.03
CA THR A 230 -3.32 -13.14 16.73
C THR A 230 -4.70 -13.40 16.17
N THR A 231 -4.94 -12.92 14.95
CA THR A 231 -6.23 -13.11 14.32
C THR A 231 -6.40 -14.59 13.94
N PRO A 232 -7.64 -15.10 13.94
CA PRO A 232 -7.86 -16.48 13.46
C PRO A 232 -7.51 -16.62 11.99
N GLY A 233 -6.94 -17.77 11.64
CA GLY A 233 -6.44 -17.99 10.29
C GLY A 233 -7.50 -18.25 9.25
N TRP A 234 -8.71 -18.61 9.68
CA TRP A 234 -9.79 -18.89 8.74
C TRP A 234 -10.29 -17.60 8.10
N LEU A 235 -10.76 -17.72 6.86
CA LEU A 235 -11.32 -16.60 6.14
C LEU A 235 -12.78 -16.40 6.56
N SER A 236 -13.13 -15.16 6.92
CA SER A 236 -14.46 -14.88 7.41
C SER A 236 -15.48 -14.93 6.28
N ARG A 237 -16.71 -15.33 6.61
CA ARG A 237 -17.77 -15.45 5.61
C ARG A 237 -18.21 -14.10 5.08
N GLU A 238 -18.00 -13.03 5.85
CA GLU A 238 -18.34 -11.69 5.38
C GLU A 238 -17.40 -11.24 4.27
N GLN A 239 -16.14 -11.67 4.33
CA GLN A 239 -15.14 -11.34 3.32
C GLN A 239 -15.19 -12.28 2.12
N VAL A 240 -15.69 -13.50 2.30
CA VAL A 240 -16.09 -14.35 1.18
C VAL A 240 -17.34 -13.78 0.52
N PHE A 241 -18.19 -13.10 1.29
CA PHE A 241 -19.49 -12.64 0.81
C PHE A 241 -19.35 -11.48 -0.19
N VAL A 242 -18.16 -10.86 -0.25
CA VAL A 242 -17.87 -9.87 -1.28
C VAL A 242 -16.97 -10.46 -2.37
N LEU A 243 -16.16 -11.46 -2.03
CA LEU A 243 -15.27 -12.07 -3.02
C LEU A 243 -16.04 -12.91 -4.02
N ILE A 244 -17.11 -13.57 -3.57
CA ILE A 244 -18.00 -14.31 -4.48
C ILE A 244 -18.67 -13.36 -5.45
N SER A 245 -19.12 -12.20 -4.95
CA SER A 245 -19.75 -11.21 -5.82
C SER A 245 -18.77 -10.64 -6.84
N ALA A 246 -17.53 -10.36 -6.41
CA ALA A 246 -16.52 -9.85 -7.35
C ALA A 246 -16.13 -10.91 -8.38
N ALA A 247 -16.07 -12.17 -7.97
CA ALA A 247 -15.81 -13.27 -8.90
C ALA A 247 -16.94 -13.41 -9.92
N SER A 248 -18.19 -13.27 -9.47
CA SER A 248 -19.32 -13.34 -10.38
C SER A 248 -19.32 -12.18 -11.35
N VAL A 249 -18.91 -10.99 -10.88
CA VAL A 249 -18.83 -9.80 -11.72
C VAL A 249 -17.77 -9.98 -12.80
N ASN A 250 -16.61 -10.49 -12.43
CA ASN A 250 -15.56 -10.69 -13.43
C ASN A 250 -15.83 -11.91 -14.32
N LEU A 251 -16.67 -12.84 -13.86
CA LEU A 251 -16.87 -14.08 -14.60
C LEU A 251 -18.02 -13.98 -15.61
N GLY A 252 -19.17 -13.44 -15.20
CA GLY A 252 -20.33 -13.47 -16.06
C GLY A 252 -20.26 -12.49 -17.21
N SER A 253 -19.47 -11.42 -17.07
CA SER A 253 -19.44 -10.38 -18.08
C SER A 253 -18.61 -10.78 -19.30
N MET A 254 -17.58 -11.61 -19.11
CA MET A 254 -16.58 -11.80 -20.15
C MET A 254 -17.09 -12.66 -21.31
N MET A 255 -18.12 -13.49 -21.07
CA MET A 255 -18.73 -14.23 -22.18
C MET A 255 -19.40 -13.28 -23.18
N CYS A 256 -20.22 -12.36 -22.68
CA CYS A 256 -20.84 -11.36 -23.55
C CYS A 256 -19.80 -10.42 -24.15
N TYR A 257 -18.78 -10.05 -23.35
CA TYR A 257 -17.73 -9.15 -23.83
C TYR A 257 -16.91 -9.80 -24.95
N SER A 258 -16.65 -11.10 -24.85
CA SER A 258 -15.90 -11.80 -25.88
C SER A 258 -16.75 -12.12 -27.10
N ILE A 259 -18.06 -12.32 -26.95
CA ILE A 259 -18.86 -12.65 -28.12
C ILE A 259 -19.31 -11.39 -28.87
N LEU A 260 -19.32 -10.21 -28.22
CA LEU A 260 -19.72 -9.00 -28.93
C LEU A 260 -18.64 -8.49 -29.87
N GLY A 261 -17.40 -8.93 -29.70
CA GLY A 261 -16.28 -8.48 -30.50
C GLY A 261 -16.34 -8.89 -31.95
N PRO A 262 -16.20 -10.20 -32.23
CA PRO A 262 -16.32 -10.66 -33.62
C PRO A 262 -17.74 -10.67 -34.17
N PHE A 263 -18.74 -10.29 -33.37
CA PHE A 263 -20.13 -10.29 -33.84
C PHE A 263 -20.37 -9.19 -34.86
N PHE A 264 -19.65 -8.07 -34.73
CA PHE A 264 -19.93 -6.87 -35.51
C PHE A 264 -19.77 -6.97 -37.03
N PRO A 265 -18.86 -7.76 -37.62
CA PRO A 265 -18.89 -7.91 -39.08
C PRO A 265 -20.11 -8.65 -39.64
N LYS A 266 -21.02 -9.18 -38.81
CA LYS A 266 -22.28 -9.71 -39.32
C LYS A 266 -23.26 -8.61 -39.71
N GLU A 267 -22.99 -7.36 -39.29
CA GLU A 267 -23.87 -6.23 -39.58
C GLU A 267 -23.15 -4.94 -39.92
N ALA A 268 -21.81 -4.96 -40.02
CA ALA A 268 -21.04 -3.73 -40.19
C ALA A 268 -21.33 -3.07 -41.54
N GLU A 269 -21.74 -3.86 -42.52
CA GLU A 269 -22.12 -3.27 -43.80
C GLU A 269 -23.63 -3.22 -43.98
N LYS A 270 -24.39 -3.90 -43.10
CA LYS A 270 -25.82 -3.67 -43.04
C LYS A 270 -26.12 -2.27 -42.54
N LYS A 271 -25.38 -1.82 -41.52
CA LYS A 271 -25.62 -0.50 -40.96
C LYS A 271 -25.12 0.62 -41.86
N GLY A 272 -24.30 0.32 -42.87
CA GLY A 272 -23.73 1.36 -43.71
C GLY A 272 -22.59 2.10 -43.07
N ALA A 273 -21.94 1.51 -42.07
CA ALA A 273 -20.82 2.14 -41.36
C ALA A 273 -19.58 2.03 -42.24
N SER A 274 -19.13 3.16 -42.78
CA SER A 274 -17.93 3.18 -43.59
C SER A 274 -16.70 3.16 -42.68
N ASN A 275 -15.51 3.17 -43.29
CA ASN A 275 -14.27 3.04 -42.52
C ASN A 275 -14.01 4.26 -41.64
N THR A 276 -14.54 5.43 -42.01
CA THR A 276 -14.54 6.58 -41.12
C THR A 276 -15.41 6.31 -39.89
N ILE A 277 -16.58 5.70 -40.11
CA ILE A 277 -17.47 5.38 -38.99
C ILE A 277 -16.90 4.24 -38.15
N ILE A 278 -16.30 3.23 -38.79
CA ILE A 278 -15.64 2.14 -38.05
C ILE A 278 -14.48 2.68 -37.23
N GLY A 279 -13.74 3.66 -37.78
CA GLY A 279 -12.67 4.31 -37.04
C GLY A 279 -13.18 5.14 -35.87
N MET A 280 -14.31 5.84 -36.04
CA MET A 280 -14.77 6.66 -34.93
C MET A 280 -15.45 5.82 -33.86
N ILE A 281 -15.85 4.58 -34.18
CA ILE A 281 -16.25 3.64 -33.13
C ILE A 281 -15.08 3.37 -32.18
N PHE A 282 -13.89 3.10 -32.72
CA PHE A 282 -12.72 2.89 -31.87
C PHE A 282 -12.29 4.19 -31.19
N GLY A 283 -12.46 5.32 -31.88
CA GLY A 283 -12.13 6.61 -31.27
C GLY A 283 -13.01 6.94 -30.08
N CYS A 284 -14.32 6.72 -30.21
CA CYS A 284 -15.23 6.91 -29.08
C CYS A 284 -14.95 5.88 -27.99
N PHE A 285 -14.72 4.62 -28.37
CA PHE A 285 -14.44 3.55 -27.42
C PHE A 285 -13.16 3.79 -26.65
N ALA A 286 -12.23 4.55 -27.21
CA ALA A 286 -11.06 5.00 -26.46
C ALA A 286 -11.40 6.21 -25.58
N LEU A 287 -11.78 7.33 -26.20
CA LEU A 287 -11.80 8.61 -25.48
C LEU A 287 -12.99 8.72 -24.52
N PHE A 288 -14.15 8.21 -24.91
CA PHE A 288 -15.31 8.27 -24.03
C PHE A 288 -15.13 7.36 -22.82
N GLU A 289 -14.44 6.28 -22.99
CA GLU A 289 -14.20 5.44 -21.81
C GLU A 289 -13.05 5.98 -20.97
N LEU A 290 -12.10 6.75 -21.57
CA LEU A 290 -11.17 7.57 -20.79
C LEU A 290 -11.91 8.58 -19.92
N LEU A 291 -12.82 9.34 -20.52
CA LEU A 291 -13.53 10.39 -19.78
C LEU A 291 -14.46 9.80 -18.74
N ALA A 292 -15.13 8.68 -19.06
CA ALA A 292 -16.05 8.05 -18.12
C ALA A 292 -15.31 7.47 -16.93
N SER A 293 -14.20 6.77 -17.16
CA SER A 293 -13.42 6.21 -16.06
C SER A 293 -12.77 7.32 -15.23
N LEU A 294 -12.38 8.43 -15.88
CA LEU A 294 -11.77 9.53 -15.15
C LEU A 294 -12.79 10.23 -14.24
N VAL A 295 -13.99 10.51 -14.77
CA VAL A 295 -14.98 11.20 -13.95
C VAL A 295 -15.55 10.27 -12.88
N PHE A 296 -15.57 8.95 -13.14
CA PHE A 296 -15.99 8.00 -12.12
C PHE A 296 -14.97 7.90 -10.99
N GLY A 297 -13.68 7.88 -11.34
CA GLY A 297 -12.66 7.86 -10.31
C GLY A 297 -12.60 9.17 -9.54
N ASN A 298 -13.01 10.27 -10.18
CA ASN A 298 -13.09 11.53 -9.47
C ASN A 298 -14.28 11.54 -8.49
N TYR A 299 -15.44 11.06 -8.93
CA TYR A 299 -16.68 11.26 -8.20
C TYR A 299 -17.25 9.98 -7.59
N LEU A 300 -16.39 8.99 -7.28
CA LEU A 300 -16.86 7.80 -6.57
C LEU A 300 -17.47 8.14 -5.21
N VAL A 301 -16.89 9.10 -4.50
CA VAL A 301 -17.41 9.48 -3.19
C VAL A 301 -18.76 10.18 -3.32
N HIS A 302 -18.89 11.08 -4.28
CA HIS A 302 -20.12 11.86 -4.43
C HIS A 302 -21.26 10.99 -4.93
N ILE A 303 -20.99 10.08 -5.86
CA ILE A 303 -22.04 9.18 -6.33
C ILE A 303 -22.33 8.11 -5.30
N GLY A 304 -21.30 7.49 -4.75
CA GLY A 304 -21.51 6.38 -3.83
C GLY A 304 -21.40 5.05 -4.53
N ALA A 305 -20.89 4.04 -3.79
CA ALA A 305 -20.45 2.80 -4.40
C ALA A 305 -21.60 1.87 -4.77
N LYS A 306 -22.74 1.97 -4.09
CA LYS A 306 -23.80 0.99 -4.25
C LYS A 306 -24.48 1.13 -5.62
N PHE A 307 -25.03 2.32 -5.90
CA PHE A 307 -25.63 2.56 -7.20
C PHE A 307 -24.59 2.65 -8.31
N MET A 308 -23.32 2.86 -7.95
CA MET A 308 -22.22 2.66 -8.88
C MET A 308 -22.11 1.20 -9.33
N PHE A 309 -22.22 0.26 -8.39
CA PHE A 309 -21.83 -1.11 -8.66
C PHE A 309 -23.00 -2.00 -9.10
N VAL A 310 -24.12 -1.97 -8.37
CA VAL A 310 -25.20 -2.91 -8.70
C VAL A 310 -25.96 -2.46 -9.94
N ALA A 311 -25.86 -1.19 -10.32
CA ALA A 311 -26.32 -0.73 -11.62
C ALA A 311 -25.20 -0.70 -12.65
N GLY A 312 -23.98 -1.07 -12.24
CA GLY A 312 -22.86 -1.05 -13.17
C GLY A 312 -22.99 -2.11 -14.25
N MET A 313 -23.66 -3.21 -13.95
CA MET A 313 -23.99 -4.21 -14.94
C MET A 313 -25.44 -4.17 -15.38
N PHE A 314 -26.26 -3.30 -14.79
CA PHE A 314 -27.62 -3.11 -15.27
C PHE A 314 -27.61 -2.49 -16.65
N VAL A 315 -26.69 -1.57 -16.89
CA VAL A 315 -26.42 -1.10 -18.23
C VAL A 315 -25.73 -2.19 -19.07
N SER A 316 -24.93 -3.06 -18.44
CA SER A 316 -24.39 -4.21 -19.18
C SER A 316 -25.47 -5.25 -19.42
N GLY A 317 -26.41 -5.40 -18.48
CA GLY A 317 -27.60 -6.17 -18.74
C GLY A 317 -28.53 -5.56 -19.77
N GLY A 318 -28.38 -4.27 -20.03
CA GLY A 318 -29.06 -3.63 -21.13
C GLY A 318 -28.35 -3.86 -22.45
N VAL A 319 -27.01 -3.86 -22.44
CA VAL A 319 -26.31 -4.04 -23.71
C VAL A 319 -26.19 -5.50 -24.11
N THR A 320 -26.44 -6.45 -23.20
CA THR A 320 -26.50 -7.84 -23.64
C THR A 320 -27.80 -8.15 -24.38
N ILE A 321 -28.81 -7.28 -24.27
CA ILE A 321 -30.04 -7.43 -25.05
C ILE A 321 -30.26 -6.27 -26.01
N LEU A 322 -29.38 -5.27 -26.00
CA LEU A 322 -29.48 -4.15 -26.95
C LEU A 322 -29.24 -4.63 -28.37
N PHE A 323 -28.37 -5.61 -28.54
CA PHE A 323 -28.22 -6.28 -29.82
C PHE A 323 -29.17 -7.47 -29.93
N GLY A 324 -30.46 -7.25 -29.67
CA GLY A 324 -31.43 -8.32 -29.69
C GLY A 324 -31.60 -8.87 -31.09
N VAL A 325 -32.27 -8.12 -31.96
CA VAL A 325 -32.09 -8.26 -33.40
C VAL A 325 -31.95 -6.85 -33.94
N LEU A 326 -30.88 -6.58 -34.67
CA LEU A 326 -30.77 -5.31 -35.39
C LEU A 326 -30.74 -5.50 -36.90
N ASP A 327 -31.15 -6.66 -37.39
CA ASP A 327 -31.52 -6.84 -38.79
C ASP A 327 -33.02 -6.66 -39.04
N ARG A 328 -33.78 -6.27 -38.01
CA ARG A 328 -35.21 -6.00 -38.20
C ARG A 328 -35.42 -4.69 -38.95
N VAL A 329 -35.00 -3.58 -38.34
CA VAL A 329 -35.45 -2.26 -38.75
C VAL A 329 -34.48 -1.58 -39.71
N PRO A 330 -34.98 -0.86 -40.73
CA PRO A 330 -34.10 -0.10 -41.64
C PRO A 330 -33.70 1.25 -41.09
N ASP A 331 -32.62 1.27 -40.29
CA ASP A 331 -32.22 2.45 -39.54
C ASP A 331 -31.75 3.40 -40.63
N GLY A 332 -32.53 4.19 -40.66
CA GLY A 332 -32.19 5.23 -41.64
C GLY A 332 -32.14 6.52 -40.87
N PRO A 333 -33.13 7.40 -40.90
CA PRO A 333 -33.17 8.38 -39.81
C PRO A 333 -33.67 7.65 -38.57
N VAL A 334 -32.84 6.76 -38.04
CA VAL A 334 -32.57 6.28 -36.69
C VAL A 334 -31.06 6.35 -36.47
N PHE A 335 -30.28 6.00 -37.48
CA PHE A 335 -28.84 5.83 -37.32
C PHE A 335 -28.08 7.17 -37.30
N ILE A 336 -28.78 8.30 -37.42
CA ILE A 336 -28.14 9.61 -37.24
C ILE A 336 -27.62 9.75 -35.82
N ALA A 337 -28.41 9.32 -34.83
CA ALA A 337 -28.00 9.34 -33.43
C ALA A 337 -28.02 7.94 -32.82
N MET A 338 -27.46 6.96 -33.53
CA MET A 338 -27.37 5.59 -33.03
C MET A 338 -25.93 5.07 -33.01
N CYS A 339 -25.02 5.72 -33.76
CA CYS A 339 -23.64 5.28 -33.83
C CYS A 339 -22.94 5.41 -32.48
N PHE A 340 -23.34 6.39 -31.67
CA PHE A 340 -22.92 6.40 -30.28
C PHE A 340 -23.89 5.66 -29.37
N LEU A 341 -24.93 5.02 -29.92
CA LEU A 341 -25.77 4.12 -29.14
C LEU A 341 -25.46 2.64 -29.38
N VAL A 342 -24.50 2.32 -30.26
CA VAL A 342 -24.21 0.91 -30.51
C VAL A 342 -23.31 0.33 -29.43
N ARG A 343 -22.12 0.91 -29.24
CA ARG A 343 -21.13 0.34 -28.33
C ARG A 343 -20.55 1.29 -27.30
N VAL A 344 -21.01 2.55 -27.23
CA VAL A 344 -20.46 3.47 -26.24
C VAL A 344 -20.98 3.13 -24.84
N MET A 345 -22.26 2.81 -24.72
CA MET A 345 -22.76 2.44 -23.39
C MET A 345 -22.32 1.04 -22.99
N ASP A 346 -21.92 0.21 -23.96
CA ASP A 346 -21.17 -1.00 -23.62
C ASP A 346 -19.85 -0.66 -22.96
N ALA A 347 -19.17 0.37 -23.47
CA ALA A 347 -17.88 0.78 -22.89
C ALA A 347 -18.07 1.36 -21.49
N VAL A 348 -19.10 2.16 -21.27
CA VAL A 348 -19.26 2.70 -19.91
C VAL A 348 -19.85 1.64 -18.98
N SER A 349 -20.54 0.63 -19.53
CA SER A 349 -20.97 -0.51 -18.73
C SER A 349 -19.79 -1.31 -18.22
N PHE A 350 -18.92 -1.66 -18.81
CA PHE A 350 -17.75 -2.38 -18.34
C PHE A 350 -16.66 -1.43 -17.83
N ALA A 351 -16.63 -0.11 -18.05
CA ALA A 351 -15.79 0.78 -17.26
C ALA A 351 -16.36 1.07 -15.88
N ALA A 352 -17.68 1.14 -15.76
CA ALA A 352 -18.29 1.37 -14.46
C ALA A 352 -18.28 0.14 -13.57
N ALA A 353 -18.10 -1.04 -14.16
CA ALA A 353 -18.06 -2.25 -13.35
C ALA A 353 -16.69 -2.42 -12.69
N MET A 354 -15.62 -2.35 -13.48
CA MET A 354 -14.30 -2.68 -12.98
C MET A 354 -13.70 -1.61 -12.08
N THR A 355 -14.01 -0.34 -12.33
CA THR A 355 -13.49 0.76 -11.52
C THR A 355 -14.03 0.68 -10.10
N ALA A 356 -15.31 0.36 -9.94
CA ALA A 356 -15.88 0.16 -8.62
C ALA A 356 -15.42 -1.15 -7.98
N SER A 357 -15.31 -2.22 -8.77
CA SER A 357 -15.04 -3.54 -8.21
C SER A 357 -13.62 -3.63 -7.68
N SER A 358 -12.67 -3.00 -8.38
CA SER A 358 -11.29 -2.98 -7.89
C SER A 358 -11.18 -2.22 -6.57
N SER A 359 -11.96 -1.14 -6.44
CA SER A 359 -11.95 -0.35 -5.21
C SER A 359 -12.52 -1.13 -4.03
N ILE A 360 -13.67 -1.79 -4.23
CA ILE A 360 -14.28 -2.50 -3.10
C ILE A 360 -13.52 -3.79 -2.82
N LEU A 361 -12.79 -4.32 -3.80
CA LEU A 361 -11.90 -5.44 -3.54
C LEU A 361 -10.71 -5.01 -2.71
N ALA A 362 -10.07 -3.90 -3.07
CA ALA A 362 -8.86 -3.47 -2.39
C ALA A 362 -9.14 -2.91 -1.01
N LYS A 363 -10.38 -2.47 -0.76
CA LYS A 363 -10.71 -1.98 0.57
C LYS A 363 -10.74 -3.13 1.57
N ALA A 364 -11.29 -4.28 1.17
CA ALA A 364 -11.56 -5.36 2.12
C ALA A 364 -10.29 -6.09 2.54
N PHE A 365 -9.28 -6.12 1.69
CA PHE A 365 -8.04 -6.86 1.95
C PHE A 365 -6.83 -5.95 1.80
N PRO A 366 -6.47 -5.19 2.82
CA PRO A 366 -5.24 -4.39 2.74
C PRO A 366 -3.97 -5.23 2.79
N ASN A 367 -3.99 -6.34 3.53
CA ASN A 367 -2.83 -7.18 3.72
C ASN A 367 -2.61 -8.14 2.54
N ASN A 368 -3.64 -8.31 1.71
CA ASN A 368 -3.54 -9.21 0.52
C ASN A 368 -4.06 -8.46 -0.71
N VAL A 369 -3.45 -7.33 -1.03
CA VAL A 369 -3.93 -6.50 -2.15
C VAL A 369 -3.67 -7.20 -3.49
N ALA A 370 -2.45 -7.69 -3.70
CA ALA A 370 -2.12 -8.30 -4.98
C ALA A 370 -2.61 -9.75 -5.09
N THR A 371 -2.94 -10.39 -3.97
CA THR A 371 -3.33 -11.79 -4.04
C THR A 371 -4.74 -11.96 -4.59
N VAL A 372 -5.68 -11.13 -4.15
CA VAL A 372 -7.07 -11.33 -4.55
C VAL A 372 -7.33 -10.78 -5.94
N LEU A 373 -6.55 -9.78 -6.37
CA LEU A 373 -6.61 -9.34 -7.77
C LEU A 373 -6.11 -10.43 -8.71
N GLY A 374 -5.02 -11.10 -8.32
CA GLY A 374 -4.55 -12.23 -9.11
C GLY A 374 -5.49 -13.42 -9.06
N SER A 375 -6.21 -13.58 -7.94
CA SER A 375 -7.20 -14.65 -7.85
C SER A 375 -8.38 -14.39 -8.78
N LEU A 376 -8.85 -13.15 -8.85
CA LEU A 376 -9.90 -12.82 -9.80
C LEU A 376 -9.41 -12.92 -11.23
N GLU A 377 -8.12 -12.62 -11.46
CA GLU A 377 -7.55 -12.75 -12.80
C GLU A 377 -7.43 -14.20 -13.23
N THR A 378 -7.05 -15.11 -12.31
CA THR A 378 -6.97 -16.51 -12.71
C THR A 378 -8.36 -17.16 -12.80
N PHE A 379 -9.34 -16.65 -12.04
CA PHE A 379 -10.71 -17.06 -12.26
C PHE A 379 -11.21 -16.60 -13.62
N SER A 380 -10.80 -15.39 -14.03
CA SER A 380 -11.10 -14.89 -15.35
C SER A 380 -10.45 -15.74 -16.44
N GLY A 381 -9.20 -16.16 -16.21
CA GLY A 381 -8.52 -17.01 -17.18
C GLY A 381 -9.16 -18.39 -17.31
N LEU A 382 -9.57 -18.96 -16.17
CA LEU A 382 -10.27 -20.25 -16.21
C LEU A 382 -11.63 -20.12 -16.87
N GLY A 383 -12.28 -18.97 -16.72
CA GLY A 383 -13.51 -18.74 -17.46
C GLY A 383 -13.27 -18.55 -18.96
N LEU A 384 -12.16 -17.93 -19.32
CA LEU A 384 -11.90 -17.60 -20.72
C LEU A 384 -11.47 -18.82 -21.52
N ILE A 385 -10.68 -19.72 -20.91
CA ILE A 385 -10.24 -20.94 -21.60
C ILE A 385 -11.43 -21.85 -21.89
N LEU A 386 -12.35 -21.98 -20.94
CA LEU A 386 -13.56 -22.77 -21.12
C LEU A 386 -14.72 -21.89 -21.55
N GLY A 387 -14.44 -20.87 -22.37
CA GLY A 387 -15.42 -19.87 -22.73
C GLY A 387 -16.55 -20.34 -23.64
N PRO A 388 -16.25 -20.56 -24.91
CA PRO A 388 -17.33 -20.88 -25.87
C PRO A 388 -17.59 -22.36 -26.19
N PRO A 389 -17.05 -23.42 -25.50
CA PRO A 389 -17.45 -24.76 -25.98
C PRO A 389 -18.87 -25.17 -25.58
N VAL A 390 -19.54 -24.41 -24.71
CA VAL A 390 -20.92 -24.71 -24.35
C VAL A 390 -21.93 -24.16 -25.35
N GLY A 391 -21.46 -23.52 -26.43
CA GLY A 391 -22.33 -23.02 -27.48
C GLY A 391 -22.64 -23.98 -28.60
N GLY A 392 -22.25 -25.24 -28.48
CA GLY A 392 -22.49 -26.21 -29.53
C GLY A 392 -23.93 -26.68 -29.68
N PHE A 393 -24.80 -26.31 -28.74
CA PHE A 393 -26.21 -26.66 -28.81
C PHE A 393 -27.07 -25.40 -28.94
N LEU A 394 -26.85 -24.41 -28.08
CA LEU A 394 -27.87 -23.41 -27.74
C LEU A 394 -28.23 -22.52 -28.92
N TYR A 395 -27.24 -22.01 -29.66
CA TYR A 395 -27.59 -21.12 -30.77
C TYR A 395 -27.94 -21.89 -32.04
N GLN A 396 -28.03 -23.22 -31.97
CA GLN A 396 -28.70 -24.01 -33.00
C GLN A 396 -30.12 -24.37 -32.56
N SER A 397 -30.62 -23.65 -31.55
CA SER A 397 -31.93 -23.95 -30.97
C SER A 397 -33.07 -23.45 -31.84
N PHE A 398 -33.12 -22.14 -32.08
CA PHE A 398 -34.17 -21.53 -32.88
C PHE A 398 -33.70 -20.35 -33.73
N GLY A 399 -32.39 -20.12 -33.84
CA GLY A 399 -31.89 -19.10 -34.76
C GLY A 399 -30.58 -18.44 -34.36
N TYR A 400 -30.35 -17.25 -34.90
CA TYR A 400 -29.17 -16.45 -34.59
C TYR A 400 -29.35 -15.56 -33.37
N GLU A 401 -30.55 -15.52 -32.79
CA GLU A 401 -30.85 -14.63 -31.68
C GLU A 401 -30.25 -15.11 -30.36
N VAL A 402 -30.16 -16.42 -30.17
CA VAL A 402 -30.02 -17.13 -28.90
C VAL A 402 -28.90 -16.62 -27.99
N PRO A 403 -27.64 -16.27 -28.47
CA PRO A 403 -26.63 -15.77 -27.51
C PRO A 403 -26.94 -14.43 -26.85
N PHE A 404 -28.04 -13.78 -27.23
CA PHE A 404 -28.38 -12.48 -26.66
C PHE A 404 -29.72 -12.47 -25.93
N ILE A 405 -30.31 -13.62 -25.65
CA ILE A 405 -31.50 -13.69 -24.80
C ILE A 405 -31.24 -14.60 -23.61
N VAL A 406 -30.75 -15.82 -23.88
CA VAL A 406 -30.55 -16.82 -22.83
C VAL A 406 -29.42 -16.40 -21.89
N LEU A 407 -28.28 -15.99 -22.45
CA LEU A 407 -27.22 -15.42 -21.62
C LEU A 407 -27.62 -14.03 -21.12
N GLY A 408 -28.41 -13.31 -21.91
CA GLY A 408 -28.94 -12.03 -21.47
C GLY A 408 -29.87 -12.16 -20.29
N CYS A 409 -30.66 -13.25 -20.25
CA CYS A 409 -31.48 -13.53 -19.08
C CYS A 409 -30.61 -13.82 -17.86
N VAL A 410 -29.48 -14.51 -18.06
CA VAL A 410 -28.57 -14.80 -16.95
C VAL A 410 -27.97 -13.52 -16.38
N VAL A 411 -27.57 -12.60 -17.25
CA VAL A 411 -27.03 -11.33 -16.78
C VAL A 411 -28.12 -10.49 -16.12
N LEU A 412 -29.33 -10.45 -16.70
CA LEU A 412 -30.41 -9.66 -16.14
C LEU A 412 -30.98 -10.24 -14.85
N LEU A 413 -30.78 -11.54 -14.60
CA LEU A 413 -31.20 -12.14 -13.35
C LEU A 413 -30.10 -12.16 -12.31
N MET A 414 -28.84 -12.06 -12.72
CA MET A 414 -27.73 -11.98 -11.78
C MET A 414 -27.45 -10.55 -11.35
N VAL A 415 -27.85 -9.55 -12.15
CA VAL A 415 -27.63 -8.15 -11.76
C VAL A 415 -28.35 -7.69 -10.49
N PRO A 416 -29.65 -8.01 -10.22
CA PRO A 416 -30.23 -7.42 -9.00
C PRO A 416 -29.88 -8.17 -7.72
N LEU A 417 -29.22 -9.34 -7.81
CA LEU A 417 -28.82 -10.09 -6.63
C LEU A 417 -27.49 -9.62 -6.05
N ASN A 418 -26.88 -8.58 -6.62
CA ASN A 418 -25.65 -8.04 -6.09
C ASN A 418 -25.92 -7.01 -5.00
N MET A 419 -27.19 -6.77 -4.68
CA MET A 419 -27.57 -5.71 -3.74
C MET A 419 -27.31 -6.08 -2.27
N TYR A 420 -27.25 -7.37 -1.92
CA TYR A 420 -26.98 -7.74 -0.52
C TYR A 420 -25.55 -7.51 -0.08
N ILE A 421 -24.62 -7.35 -1.02
CA ILE A 421 -23.20 -7.48 -0.72
C ILE A 421 -22.61 -6.19 -0.14
N LEU A 422 -22.92 -5.02 -0.67
CA LEU A 422 -22.22 -3.80 -0.28
C LEU A 422 -22.87 -3.13 0.93
N PRO A 423 -22.19 -3.03 2.08
CA PRO A 423 -22.74 -2.24 3.19
C PRO A 423 -22.14 -0.84 3.27
N ASN A 424 -21.31 -0.48 2.28
CA ASN A 424 -20.44 0.69 2.40
C ASN A 424 -21.25 1.97 2.23
N TYR A 425 -21.06 2.92 3.14
CA TYR A 425 -21.87 4.13 3.16
C TYR A 425 -21.15 5.34 2.56
N GLU A 426 -20.00 5.75 3.09
CA GLU A 426 -19.48 7.08 2.79
C GLU A 426 -18.03 7.17 3.28
N SER A 427 -17.25 7.96 2.56
CA SER A 427 -15.90 8.35 2.96
C SER A 427 -15.76 9.85 2.69
N ASP A 428 -14.54 10.35 2.77
CA ASP A 428 -14.23 11.77 2.58
C ASP A 428 -13.68 12.01 1.16
N PRO A 429 -13.91 13.19 0.59
CA PRO A 429 -13.34 13.48 -0.73
C PRO A 429 -11.84 13.72 -0.66
N GLY A 430 -11.20 13.56 -1.82
CA GLY A 430 -9.76 13.75 -1.91
C GLY A 430 -9.39 15.22 -2.04
N GLU A 431 -8.50 15.68 -1.15
CA GLU A 431 -8.14 17.09 -1.10
C GLU A 431 -7.05 17.45 -2.11
N HIS A 432 -6.08 16.56 -2.31
CA HIS A 432 -5.03 16.80 -3.29
C HIS A 432 -5.59 16.69 -4.70
N SER A 433 -4.94 17.39 -5.63
CA SER A 433 -5.38 17.36 -7.01
C SER A 433 -5.04 16.02 -7.65
N PHE A 434 -5.97 15.50 -8.45
CA PHE A 434 -5.68 14.31 -9.24
C PHE A 434 -4.64 14.60 -10.32
N TRP A 435 -4.60 15.84 -10.82
CA TRP A 435 -3.49 16.24 -11.69
C TRP A 435 -2.16 16.23 -10.93
N LYS A 436 -2.18 16.68 -9.67
CA LYS A 436 -0.99 16.60 -8.82
C LYS A 436 -0.64 15.15 -8.52
N LEU A 437 -1.64 14.27 -8.46
CA LEU A 437 -1.37 12.85 -8.36
C LEU A 437 -0.66 12.33 -9.61
N ILE A 438 -1.11 12.75 -10.80
CA ILE A 438 -0.46 12.34 -12.04
C ILE A 438 0.94 12.95 -12.16
N ALA A 439 1.09 14.22 -11.74
CA ALA A 439 2.34 14.95 -11.94
C ALA A 439 3.49 14.42 -11.10
N LEU A 440 3.24 13.53 -10.16
CA LEU A 440 4.29 12.76 -9.51
C LEU A 440 5.05 11.95 -10.55
N PRO A 441 6.38 12.02 -10.60
CA PRO A 441 7.12 11.35 -11.68
C PRO A 441 7.06 9.83 -11.66
N LYS A 442 6.75 9.20 -10.52
CA LYS A 442 6.71 7.74 -10.47
C LYS A 442 5.53 7.20 -11.26
N VAL A 443 4.33 7.74 -11.04
CA VAL A 443 3.19 7.38 -11.89
C VAL A 443 3.39 7.92 -13.31
N GLY A 444 4.10 9.03 -13.45
CA GLY A 444 4.40 9.57 -14.77
C GLY A 444 5.33 8.71 -15.58
N LEU A 445 6.01 7.76 -14.93
CA LEU A 445 6.83 6.79 -15.64
C LEU A 445 6.18 5.42 -15.76
N ILE A 446 5.42 4.97 -14.75
CA ILE A 446 4.72 3.68 -14.86
C ILE A 446 3.51 3.79 -15.80
N ALA A 447 3.03 5.02 -16.07
CA ALA A 447 1.96 5.23 -17.03
C ALA A 447 2.35 4.77 -18.42
N PHE A 448 3.57 5.10 -18.85
CA PHE A 448 4.01 4.75 -20.19
C PHE A 448 4.22 3.24 -20.31
N VAL A 449 4.62 2.60 -19.22
CA VAL A 449 4.79 1.14 -19.18
C VAL A 449 3.44 0.44 -19.31
N ILE A 450 2.42 0.90 -18.57
CA ILE A 450 1.14 0.22 -18.65
C ILE A 450 0.43 0.50 -19.98
N ASN A 451 0.66 1.68 -20.59
CA ASN A 451 0.15 1.92 -21.93
C ASN A 451 0.84 1.02 -22.95
N SER A 452 2.16 0.82 -22.80
CA SER A 452 2.88 -0.09 -23.68
C SER A 452 2.38 -1.53 -23.55
N LEU A 453 2.12 -1.96 -22.31
CA LEU A 453 1.66 -3.33 -22.08
C LEU A 453 0.27 -3.55 -22.64
N SER A 454 -0.59 -2.53 -22.58
CA SER A 454 -1.90 -2.65 -23.24
C SER A 454 -1.75 -2.65 -24.75
N SER A 455 -0.80 -1.86 -25.28
CA SER A 455 -0.63 -1.76 -26.72
C SER A 455 -0.11 -3.05 -27.32
N CYS A 456 0.68 -3.81 -26.55
CA CYS A 456 1.16 -5.12 -26.99
C CYS A 456 0.02 -6.07 -27.31
N PHE A 457 -0.91 -6.25 -26.36
CA PHE A 457 -2.06 -7.13 -26.57
C PHE A 457 -2.99 -6.56 -27.64
N GLY A 458 -3.19 -5.24 -27.64
CA GLY A 458 -4.09 -4.64 -28.61
C GLY A 458 -3.61 -4.74 -30.04
N PHE A 459 -2.29 -4.67 -30.25
CA PHE A 459 -1.76 -4.89 -31.58
C PHE A 459 -1.77 -6.36 -31.93
N LEU A 460 -1.45 -7.24 -30.97
CA LEU A 460 -1.31 -8.66 -31.27
C LEU A 460 -2.63 -9.36 -31.57
N ASP A 461 -3.74 -8.92 -30.96
CA ASP A 461 -4.99 -9.69 -31.04
C ASP A 461 -5.57 -9.78 -32.46
N PRO A 462 -5.76 -8.68 -33.25
CA PRO A 462 -6.17 -8.90 -34.64
C PRO A 462 -5.00 -8.98 -35.61
N THR A 463 -3.97 -9.72 -35.28
CA THR A 463 -2.78 -9.77 -36.12
C THR A 463 -2.32 -11.19 -36.40
N LEU A 464 -2.41 -12.08 -35.41
CA LEU A 464 -2.01 -13.46 -35.61
C LEU A 464 -2.93 -14.19 -36.57
N SER A 465 -4.22 -13.83 -36.58
CA SER A 465 -5.18 -14.43 -37.48
C SER A 465 -4.85 -14.13 -38.94
N LEU A 466 -4.45 -12.90 -39.22
CA LEU A 466 -4.09 -12.53 -40.59
C LEU A 466 -2.64 -12.88 -40.90
N PHE A 467 -1.83 -13.19 -39.90
CA PHE A 467 -0.47 -13.63 -40.12
C PHE A 467 -0.35 -15.13 -40.44
N VAL A 468 -1.00 -15.99 -39.65
CA VAL A 468 -0.75 -17.43 -39.76
C VAL A 468 -1.44 -18.08 -40.96
N LEU A 469 -2.17 -17.31 -41.75
CA LEU A 469 -2.80 -17.87 -42.94
C LEU A 469 -1.76 -18.14 -44.03
N GLU A 470 -0.66 -17.41 -44.02
CA GLU A 470 0.27 -17.43 -45.16
C GLU A 470 1.22 -18.61 -45.10
N LYS A 471 2.06 -18.68 -44.09
CA LYS A 471 3.11 -19.69 -44.02
C LYS A 471 2.78 -20.83 -43.06
N PHE A 472 1.69 -20.74 -42.33
CA PHE A 472 1.24 -21.80 -41.43
C PHE A 472 -0.07 -22.45 -41.83
N ASN A 473 -1.06 -21.65 -42.23
CA ASN A 473 -2.35 -22.10 -42.78
C ASN A 473 -3.11 -22.96 -41.77
N LEU A 474 -3.43 -22.36 -40.62
CA LEU A 474 -4.35 -23.01 -39.68
C LEU A 474 -5.76 -22.52 -39.94
N PRO A 475 -6.79 -23.35 -39.68
CA PRO A 475 -8.17 -22.88 -39.84
C PRO A 475 -8.57 -21.88 -38.77
N ALA A 476 -9.77 -21.30 -38.90
CA ALA A 476 -10.20 -20.21 -38.02
C ALA A 476 -10.35 -20.68 -36.58
N GLY A 477 -10.95 -21.86 -36.38
CA GLY A 477 -11.10 -22.39 -35.04
C GLY A 477 -9.79 -22.77 -34.38
N TYR A 478 -8.76 -23.03 -35.20
CA TYR A 478 -7.43 -23.25 -34.64
C TYR A 478 -6.79 -21.94 -34.19
N VAL A 479 -7.16 -20.82 -34.82
CA VAL A 479 -6.63 -19.50 -34.52
C VAL A 479 -6.88 -19.12 -33.06
N GLY A 480 -7.97 -19.63 -32.49
CA GLY A 480 -8.25 -19.42 -31.09
C GLY A 480 -7.24 -20.04 -30.13
N LEU A 481 -6.88 -21.32 -30.34
CA LEU A 481 -6.35 -22.04 -29.16
C LEU A 481 -4.91 -21.68 -28.86
N VAL A 482 -4.18 -21.13 -29.84
CA VAL A 482 -2.86 -20.56 -29.57
C VAL A 482 -2.96 -19.43 -28.56
N PHE A 483 -3.86 -18.70 -29.02
CA PHE A 483 -4.17 -17.62 -28.09
C PHE A 483 -4.51 -18.18 -26.72
N LEU A 484 -5.31 -19.28 -26.45
CA LEU A 484 -5.68 -19.96 -25.22
C LEU A 484 -4.45 -20.36 -24.43
N GLY A 485 -3.38 -20.75 -25.15
CA GLY A 485 -2.11 -21.03 -24.49
C GLY A 485 -1.57 -19.81 -23.76
N MET A 486 -1.71 -18.63 -24.40
CA MET A 486 -1.37 -17.37 -23.76
C MET A 486 -2.18 -17.18 -22.49
N ALA A 487 -3.49 -17.45 -22.56
CA ALA A 487 -4.37 -17.33 -21.40
C ALA A 487 -3.95 -18.30 -20.31
N LEU A 488 -3.53 -19.50 -20.73
CA LEU A 488 -3.06 -20.51 -19.78
C LEU A 488 -1.83 -19.99 -19.04
N SER A 489 -0.89 -19.40 -19.79
CA SER A 489 0.31 -18.85 -19.17
C SER A 489 -0.05 -17.66 -18.29
N TYR A 490 -1.06 -16.55 -18.62
CA TYR A 490 -1.63 -15.53 -17.75
C TYR A 490 -2.17 -16.17 -16.48
N ALA A 491 -2.82 -17.43 -16.67
CA ALA A 491 -3.32 -18.08 -15.47
C ALA A 491 -2.18 -18.54 -14.57
N ILE A 492 -1.10 -19.07 -15.19
CA ILE A 492 0.06 -19.52 -14.43
C ILE A 492 0.74 -18.33 -13.77
N SER A 493 0.68 -17.17 -14.41
CA SER A 493 1.29 -15.99 -13.83
C SER A 493 0.31 -15.15 -13.04
N SER A 494 -0.96 -15.59 -12.88
CA SER A 494 -1.92 -14.70 -12.22
C SER A 494 -1.77 -14.70 -10.70
N PRO A 495 -1.77 -15.87 -9.97
CA PRO A 495 -1.49 -15.77 -8.53
C PRO A 495 -0.01 -15.89 -8.17
N LEU A 496 0.77 -16.58 -9.00
CA LEU A 496 2.11 -17.01 -8.60
C LEU A 496 3.06 -15.82 -8.52
N PHE A 497 2.90 -14.84 -9.40
CA PHE A 497 3.65 -13.61 -9.28
C PHE A 497 2.87 -12.52 -8.54
N GLY A 498 1.69 -12.84 -8.02
CA GLY A 498 0.97 -11.90 -7.20
C GLY A 498 1.22 -12.14 -5.72
N LEU A 499 1.08 -13.39 -5.30
CA LEU A 499 1.26 -13.76 -3.90
C LEU A 499 2.69 -13.49 -3.43
N LEU A 500 3.67 -13.81 -4.29
CA LEU A 500 5.06 -13.50 -3.99
C LEU A 500 5.28 -11.99 -3.89
N SER A 501 4.51 -11.21 -4.67
CA SER A 501 4.63 -9.76 -4.58
C SER A 501 4.04 -9.22 -3.29
N ASP A 502 3.26 -10.03 -2.57
CA ASP A 502 2.84 -9.62 -1.23
C ASP A 502 3.88 -9.97 -0.19
N LYS A 503 4.76 -10.94 -0.47
CA LYS A 503 5.68 -11.41 0.55
C LYS A 503 6.83 -10.43 0.74
N ARG A 504 7.56 -10.13 -0.33
CA ARG A 504 8.71 -9.23 -0.28
C ARG A 504 8.35 -7.94 -0.99
N PRO A 505 8.12 -6.84 -0.26
CA PRO A 505 7.74 -5.58 -0.92
C PRO A 505 8.84 -4.98 -1.80
N PRO A 506 10.09 -4.74 -1.33
CA PRO A 506 11.01 -3.96 -2.19
C PRO A 506 11.54 -4.74 -3.39
N LEU A 507 11.19 -6.02 -3.50
CA LEU A 507 11.55 -6.80 -4.67
C LEU A 507 10.60 -6.55 -5.84
N ARG A 508 9.49 -5.82 -5.63
CA ARG A 508 8.49 -5.70 -6.70
C ARG A 508 8.99 -4.83 -7.85
N LYS A 509 9.76 -3.78 -7.54
CA LYS A 509 10.11 -2.74 -8.52
C LYS A 509 10.95 -3.30 -9.66
N TRP A 510 12.09 -3.92 -9.32
CA TRP A 510 12.89 -4.65 -10.29
C TRP A 510 12.10 -5.73 -11.00
N LEU A 511 11.17 -6.38 -10.27
CA LEU A 511 10.31 -7.40 -10.85
C LEU A 511 9.50 -6.83 -11.99
N LEU A 512 8.93 -5.63 -11.77
CA LEU A 512 8.19 -4.93 -12.82
C LEU A 512 9.09 -4.63 -14.00
N VAL A 513 10.31 -4.16 -13.70
CA VAL A 513 11.27 -3.83 -14.74
C VAL A 513 11.64 -5.08 -15.51
N PHE A 514 11.78 -6.20 -14.77
CA PHE A 514 12.19 -7.47 -15.38
C PHE A 514 11.13 -7.93 -16.36
N GLY A 515 9.85 -7.71 -16.01
CA GLY A 515 8.74 -8.09 -16.84
C GLY A 515 8.82 -7.38 -18.16
N ASN A 516 9.04 -6.06 -18.07
CA ASN A 516 9.12 -5.24 -19.26
C ASN A 516 10.27 -5.67 -20.13
N LEU A 517 11.41 -6.01 -19.50
CA LEU A 517 12.59 -6.41 -20.25
C LEU A 517 12.33 -7.68 -21.03
N ILE A 518 11.69 -8.67 -20.39
CA ILE A 518 11.52 -9.93 -21.09
C ILE A 518 10.36 -9.81 -22.07
N THR A 519 9.50 -8.81 -21.85
CA THR A 519 8.45 -8.50 -22.83
C THR A 519 9.05 -8.04 -24.14
N ALA A 520 10.16 -7.30 -24.09
CA ALA A 520 10.86 -6.92 -25.31
C ALA A 520 11.32 -8.15 -26.05
N GLY A 521 11.88 -9.11 -25.30
CA GLY A 521 12.36 -10.33 -25.90
C GLY A 521 11.24 -11.14 -26.52
N CYS A 522 10.04 -11.08 -25.92
CA CYS A 522 9.02 -11.98 -26.40
C CYS A 522 8.38 -11.49 -27.68
N TYR A 523 8.73 -10.29 -28.15
CA TYR A 523 8.29 -9.96 -29.50
C TYR A 523 9.41 -10.02 -30.52
N MET A 524 10.67 -10.05 -30.08
CA MET A 524 11.77 -10.02 -31.04
C MET A 524 11.91 -11.35 -31.76
N LEU A 525 11.43 -12.43 -31.14
CA LEU A 525 11.34 -13.70 -31.83
C LEU A 525 9.99 -13.90 -32.50
N LEU A 526 9.00 -13.05 -32.19
CA LEU A 526 7.66 -13.21 -32.76
C LEU A 526 7.68 -12.97 -34.26
N GLY A 527 7.96 -11.74 -34.67
CA GLY A 527 8.32 -11.47 -36.04
C GLY A 527 9.78 -11.11 -36.13
N PRO A 528 10.62 -12.08 -36.50
CA PRO A 528 12.05 -11.79 -36.68
C PRO A 528 12.38 -11.46 -38.14
N VAL A 529 13.33 -10.56 -38.29
CA VAL A 529 13.94 -10.32 -39.60
C VAL A 529 14.72 -11.57 -40.01
N PRO A 530 14.63 -12.04 -41.26
CA PRO A 530 15.37 -13.25 -41.66
C PRO A 530 16.88 -13.10 -41.75
N ILE A 531 17.44 -11.95 -41.34
CA ILE A 531 18.87 -11.81 -41.08
C ILE A 531 19.28 -12.77 -39.97
N LEU A 532 18.42 -12.95 -38.97
CA LEU A 532 18.60 -13.95 -37.92
C LEU A 532 18.50 -15.38 -38.43
N HIS A 533 17.99 -15.57 -39.66
CA HIS A 533 17.85 -16.83 -40.40
C HIS A 533 17.21 -17.96 -39.58
N ILE A 534 16.21 -17.64 -38.78
CA ILE A 534 15.46 -18.66 -38.07
C ILE A 534 14.29 -19.10 -38.96
N LYS A 535 14.01 -20.40 -38.92
CA LYS A 535 12.91 -20.99 -39.67
C LYS A 535 11.63 -20.90 -38.85
N SER A 536 10.51 -20.65 -39.53
CA SER A 536 9.22 -20.54 -38.88
C SER A 536 8.71 -21.89 -38.42
N GLN A 537 9.30 -22.43 -37.36
CA GLN A 537 8.78 -23.65 -36.75
C GLN A 537 7.59 -23.28 -35.86
N LEU A 538 6.58 -24.16 -35.85
CA LEU A 538 5.39 -23.91 -35.04
C LEU A 538 5.72 -23.95 -33.55
N TRP A 539 6.61 -24.86 -33.15
CA TRP A 539 6.85 -25.10 -31.73
C TRP A 539 7.58 -23.94 -31.08
N LEU A 540 8.53 -23.33 -31.79
CA LEU A 540 9.27 -22.20 -31.24
C LEU A 540 8.39 -20.95 -31.14
N LEU A 541 7.50 -20.73 -32.12
CA LEU A 541 6.59 -19.60 -32.03
C LEU A 541 5.55 -19.81 -30.93
N VAL A 542 5.08 -21.05 -30.76
CA VAL A 542 4.18 -21.38 -29.66
C VAL A 542 4.87 -21.16 -28.32
N LEU A 543 6.13 -21.57 -28.20
CA LEU A 543 6.86 -21.41 -26.96
C LEU A 543 7.14 -19.94 -26.64
N ILE A 544 7.48 -19.14 -27.66
CA ILE A 544 7.77 -17.73 -27.41
C ILE A 544 6.48 -16.98 -27.11
N LEU A 545 5.33 -17.46 -27.62
CA LEU A 545 4.07 -16.83 -27.25
C LEU A 545 3.60 -17.27 -25.86
N VAL A 546 3.92 -18.49 -25.44
CA VAL A 546 3.62 -18.90 -24.07
C VAL A 546 4.44 -18.11 -23.07
N VAL A 547 5.73 -17.90 -23.35
CA VAL A 547 6.51 -17.09 -22.41
C VAL A 547 6.16 -15.61 -22.57
N SER A 548 5.58 -15.22 -23.71
CA SER A 548 4.99 -13.89 -23.85
C SER A 548 3.83 -13.69 -22.89
N GLY A 549 2.93 -14.66 -22.83
CA GLY A 549 1.82 -14.58 -21.89
C GLY A 549 2.27 -14.64 -20.45
N LEU A 550 3.29 -15.46 -20.17
CA LEU A 550 3.86 -15.55 -18.83
C LEU A 550 4.46 -14.22 -18.38
N SER A 551 5.20 -13.57 -19.28
CA SER A 551 5.80 -12.27 -18.97
C SER A 551 4.74 -11.19 -18.79
N ALA A 552 3.72 -11.19 -19.65
CA ALA A 552 2.67 -10.18 -19.55
C ALA A 552 1.88 -10.33 -18.25
N GLY A 553 1.56 -11.58 -17.88
CA GLY A 553 0.86 -11.81 -16.63
C GLY A 553 1.72 -11.51 -15.41
N MET A 554 3.03 -11.72 -15.51
CA MET A 554 3.91 -11.38 -14.41
C MET A 554 4.09 -9.88 -14.26
N SER A 555 3.99 -9.13 -15.35
CA SER A 555 4.17 -7.68 -15.26
C SER A 555 2.88 -6.91 -14.98
N ILE A 556 1.71 -7.47 -15.29
CA ILE A 556 0.46 -6.71 -15.14
C ILE A 556 0.08 -6.56 -13.67
N ILE A 557 0.34 -7.58 -12.84
CA ILE A 557 -0.25 -7.63 -11.50
C ILE A 557 0.40 -6.66 -10.50
N PRO A 558 1.78 -6.56 -10.37
CA PRO A 558 2.30 -5.63 -9.35
C PRO A 558 2.29 -4.17 -9.73
N THR A 559 1.54 -3.80 -10.78
CA THR A 559 1.34 -2.38 -11.08
C THR A 559 0.50 -1.71 -9.99
N PHE A 560 -0.55 -2.39 -9.52
CA PHE A 560 -1.48 -1.75 -8.56
C PHE A 560 -0.91 -1.57 -7.15
N PRO A 561 -0.20 -2.53 -6.53
CA PRO A 561 0.42 -2.19 -5.22
C PRO A 561 1.51 -1.14 -5.32
N GLU A 562 2.18 -1.04 -6.48
CA GLU A 562 3.20 -0.01 -6.66
C GLU A 562 2.59 1.38 -6.66
N ILE A 563 1.47 1.56 -7.37
CA ILE A 563 0.82 2.88 -7.39
C ILE A 563 0.11 3.16 -6.07
N LEU A 564 -0.35 2.12 -5.36
CA LEU A 564 -0.87 2.34 -4.02
C LEU A 564 0.22 2.82 -3.06
N SER A 565 1.42 2.22 -3.12
CA SER A 565 2.52 2.68 -2.28
C SER A 565 3.03 4.05 -2.71
N CYS A 566 2.95 4.34 -4.02
CA CYS A 566 3.32 5.65 -4.54
C CYS A 566 2.39 6.74 -4.01
N ALA A 567 1.08 6.48 -3.99
CA ALA A 567 0.16 7.45 -3.43
C ALA A 567 0.27 7.54 -1.92
N HIS A 568 0.57 6.42 -1.26
CA HIS A 568 0.64 6.41 0.19
C HIS A 568 1.86 7.17 0.70
N GLU A 569 3.03 6.92 0.11
CA GLU A 569 4.28 7.46 0.63
C GLU A 569 4.43 8.96 0.35
N ASN A 570 3.80 9.47 -0.70
CA ASN A 570 4.01 10.85 -1.12
C ASN A 570 2.94 11.80 -0.57
N GLY A 571 2.35 11.48 0.58
CA GLY A 571 1.58 12.44 1.33
C GLY A 571 0.09 12.51 1.04
N PHE A 572 -0.44 11.62 0.20
CA PHE A 572 -1.88 11.61 -0.02
C PHE A 572 -2.58 10.89 1.13
N GLU A 573 -3.91 10.86 1.06
CA GLU A 573 -4.71 10.33 2.15
C GLU A 573 -4.65 8.80 2.19
N GLU A 574 -5.21 8.23 3.25
CA GLU A 574 -5.27 6.79 3.48
C GLU A 574 -6.75 6.42 3.62
N GLY A 575 -7.43 6.19 2.51
CA GLY A 575 -8.85 5.96 2.58
C GLY A 575 -9.40 5.41 1.29
N LEU A 576 -10.72 5.38 1.21
CA LEU A 576 -11.40 4.78 0.07
C LEU A 576 -11.35 5.67 -1.17
N SER A 577 -11.26 7.00 -0.98
CA SER A 577 -11.22 7.92 -2.11
C SER A 577 -9.92 7.80 -2.89
N THR A 578 -8.80 7.64 -2.17
CA THR A 578 -7.51 7.44 -2.81
C THR A 578 -7.48 6.11 -3.57
N LEU A 579 -8.04 5.06 -2.97
CA LEU A 579 -8.14 3.76 -3.64
C LEU A 579 -8.99 3.84 -4.90
N GLY A 580 -10.11 4.57 -4.84
CA GLY A 580 -10.95 4.71 -6.01
C GLY A 580 -10.30 5.53 -7.12
N LEU A 581 -9.55 6.56 -6.75
CA LEU A 581 -8.90 7.39 -7.75
C LEU A 581 -7.73 6.65 -8.39
N VAL A 582 -7.04 5.81 -7.62
CA VAL A 582 -6.02 4.93 -8.18
C VAL A 582 -6.64 3.88 -9.11
N SER A 583 -7.81 3.36 -8.75
CA SER A 583 -8.49 2.40 -9.62
C SER A 583 -8.94 3.06 -10.93
N GLY A 584 -9.44 4.30 -10.86
CA GLY A 584 -9.77 5.02 -12.08
C GLY A 584 -8.55 5.37 -12.91
N LEU A 585 -7.41 5.63 -12.24
CA LEU A 585 -6.13 5.82 -12.90
C LEU A 585 -5.74 4.59 -13.72
N PHE A 586 -5.86 3.41 -13.10
CA PHE A 586 -5.55 2.16 -13.79
C PHE A 586 -6.53 1.92 -14.95
N SER A 587 -7.80 2.28 -14.76
CA SER A 587 -8.81 2.14 -15.81
C SER A 587 -8.49 3.00 -17.01
N ALA A 588 -8.12 4.27 -16.79
CA ALA A 588 -7.82 5.17 -17.89
C ALA A 588 -6.54 4.78 -18.60
N MET A 589 -5.52 4.35 -17.85
CA MET A 589 -4.26 4.00 -18.48
C MET A 589 -4.35 2.65 -19.19
N TRP A 590 -5.31 1.80 -18.80
CA TRP A 590 -5.58 0.62 -19.63
C TRP A 590 -6.37 0.98 -20.87
N SER A 591 -7.33 1.90 -20.75
CA SER A 591 -8.23 2.17 -21.87
C SER A 591 -7.56 2.99 -22.97
N ILE A 592 -6.51 3.74 -22.64
CA ILE A 592 -5.82 4.49 -23.69
C ILE A 592 -4.94 3.57 -24.54
N GLY A 593 -4.62 2.38 -24.04
CA GLY A 593 -3.79 1.44 -24.77
C GLY A 593 -4.48 0.81 -25.95
N ALA A 594 -5.81 0.84 -25.99
CA ALA A 594 -6.54 0.43 -27.17
C ALA A 594 -6.49 1.47 -28.28
N PHE A 595 -6.02 2.67 -28.00
CA PHE A 595 -5.86 3.72 -28.99
C PHE A 595 -4.41 3.95 -29.40
N MET A 596 -3.46 3.81 -28.45
CA MET A 596 -2.07 4.01 -28.82
C MET A 596 -1.57 2.88 -29.71
N GLY A 597 -2.00 1.64 -29.45
CA GLY A 597 -1.43 0.47 -30.07
C GLY A 597 -1.97 0.02 -31.42
N PRO A 598 -3.27 -0.34 -31.51
CA PRO A 598 -3.75 -0.99 -32.75
C PRO A 598 -3.77 -0.11 -33.98
N THR A 599 -3.83 1.21 -33.82
CA THR A 599 -3.91 2.11 -34.97
C THR A 599 -2.60 2.11 -35.76
N LEU A 600 -1.50 2.47 -35.11
CA LEU A 600 -0.21 2.54 -35.79
C LEU A 600 0.31 1.15 -36.18
N GLY A 601 0.04 0.14 -35.35
CA GLY A 601 0.45 -1.21 -35.70
C GLY A 601 -0.30 -1.75 -36.91
N GLY A 602 -1.61 -1.52 -36.95
CA GLY A 602 -2.39 -1.93 -38.11
C GLY A 602 -2.07 -1.12 -39.35
N PHE A 603 -1.61 0.12 -39.17
CA PHE A 603 -1.14 0.89 -40.29
C PHE A 603 0.15 0.29 -40.84
N LEU A 604 1.12 0.02 -39.95
CA LEU A 604 2.45 -0.37 -40.38
C LEU A 604 2.55 -1.84 -40.79
N TYR A 605 1.56 -2.67 -40.45
CA TYR A 605 1.54 -4.07 -40.86
C TYR A 605 1.61 -4.25 -42.37
N GLU A 606 0.61 -3.74 -43.08
CA GLU A 606 0.60 -3.86 -44.55
C GLU A 606 1.70 -3.04 -45.19
N LYS A 607 2.24 -2.04 -44.50
CA LYS A 607 3.30 -1.21 -45.08
C LYS A 607 4.65 -1.92 -45.08
N ILE A 608 5.07 -2.49 -43.95
CA ILE A 608 6.44 -3.02 -43.89
C ILE A 608 6.51 -4.48 -43.45
N GLY A 609 5.39 -5.22 -43.47
CA GLY A 609 5.46 -6.62 -43.11
C GLY A 609 5.54 -6.86 -41.61
N PHE A 610 5.03 -8.01 -41.16
CA PHE A 610 5.05 -8.34 -39.74
C PHE A 610 6.39 -8.98 -39.38
N GLU A 611 7.47 -8.27 -39.70
CA GLU A 611 8.75 -8.41 -39.02
C GLU A 611 9.11 -7.07 -38.38
N TRP A 612 9.20 -6.02 -39.19
CA TRP A 612 9.46 -4.70 -38.66
C TRP A 612 8.20 -4.07 -38.06
N ALA A 613 7.01 -4.52 -38.47
CA ALA A 613 5.78 -4.05 -37.81
C ALA A 613 5.69 -4.60 -36.39
N ALA A 614 6.25 -5.78 -36.15
CA ALA A 614 6.40 -6.26 -34.78
C ALA A 614 7.58 -5.61 -34.08
N ALA A 615 8.65 -5.31 -34.84
CA ALA A 615 9.87 -4.79 -34.24
C ALA A 615 9.69 -3.37 -33.72
N ILE A 616 8.82 -2.58 -34.35
CA ILE A 616 8.61 -1.20 -33.87
C ILE A 616 7.90 -1.21 -32.52
N GLN A 617 6.92 -2.11 -32.34
CA GLN A 617 6.24 -2.24 -31.06
C GLN A 617 7.16 -2.88 -30.02
N GLY A 618 8.01 -3.81 -30.44
CA GLY A 618 8.98 -4.41 -29.52
C GLY A 618 9.99 -3.41 -29.00
N LEU A 619 10.56 -2.59 -29.87
CA LEU A 619 11.47 -1.54 -29.42
C LEU A 619 10.76 -0.45 -28.63
N TRP A 620 9.48 -0.21 -28.92
CA TRP A 620 8.69 0.75 -28.13
C TRP A 620 8.55 0.25 -26.69
N ALA A 621 8.24 -1.03 -26.53
CA ALA A 621 8.16 -1.62 -25.19
C ALA A 621 9.54 -1.72 -24.55
N LEU A 622 10.59 -1.88 -25.35
CA LEU A 622 11.93 -1.97 -24.79
C LEU A 622 12.40 -0.63 -24.22
N ILE A 623 12.14 0.46 -24.95
CA ILE A 623 12.43 1.81 -24.43
C ILE A 623 11.54 2.10 -23.23
N SER A 624 10.29 1.62 -23.26
CA SER A 624 9.38 1.75 -22.14
C SER A 624 9.90 1.06 -20.88
N GLY A 625 10.48 -0.12 -21.03
CA GLY A 625 11.05 -0.80 -19.89
C GLY A 625 12.38 -0.21 -19.45
N LEU A 626 13.17 0.30 -20.40
CA LEU A 626 14.47 0.85 -20.07
C LEU A 626 14.34 2.19 -19.37
N ALA A 627 13.20 2.87 -19.54
CA ALA A 627 13.02 4.16 -18.89
C ALA A 627 12.86 4.04 -17.38
N MET A 628 12.45 2.87 -16.88
CA MET A 628 12.20 2.70 -15.43
C MET A 628 13.49 2.75 -14.61
N GLY A 629 14.61 2.31 -15.18
CA GLY A 629 15.85 2.27 -14.44
C GLY A 629 16.42 3.64 -14.16
N LEU A 630 16.03 4.65 -14.95
CA LEU A 630 16.48 6.01 -14.72
C LEU A 630 15.89 6.59 -13.44
N PHE A 631 14.73 6.08 -13.02
CA PHE A 631 14.10 6.61 -11.82
C PHE A 631 14.30 5.67 -10.63
N TYR A 632 14.47 4.37 -10.90
CA TYR A 632 14.75 3.44 -9.81
C TYR A 632 16.24 3.40 -9.46
N LEU A 633 17.10 3.10 -10.42
CA LEU A 633 18.52 2.92 -10.17
C LEU A 633 19.31 4.22 -10.07
N LEU A 634 18.63 5.36 -10.01
CA LEU A 634 19.28 6.63 -9.72
C LEU A 634 18.79 7.27 -8.43
N GLU A 635 17.62 6.89 -7.93
CA GLU A 635 17.06 7.40 -6.69
C GLU A 635 16.62 6.22 -5.83
N TYR A 636 17.56 5.32 -5.54
CA TYR A 636 17.31 4.18 -4.66
C TYR A 636 17.82 4.48 -3.25
N SER A 637 17.36 5.62 -2.73
CA SER A 637 17.83 6.17 -1.48
C SER A 637 17.03 5.71 -0.27
N GLN A 638 16.44 4.52 -0.32
CA GLN A 638 15.77 3.97 0.86
C GLN A 638 16.81 3.54 1.88
N VAL A 639 16.61 3.95 3.12
CA VAL A 639 17.62 3.79 4.16
C VAL A 639 17.60 2.34 4.65
N GLN A 640 18.76 1.68 4.58
CA GLN A 640 18.90 0.33 5.07
C GLN A 640 20.32 0.10 5.56
N LEU A 641 20.46 -0.96 6.37
CA LEU A 641 21.71 -1.30 7.02
C LEU A 641 22.05 -2.76 6.73
N VAL A 642 23.34 -3.04 6.56
CA VAL A 642 23.82 -4.38 6.26
C VAL A 642 24.80 -4.80 7.36
N GLU A 643 24.49 -5.88 8.06
CA GLU A 643 25.29 -6.35 9.17
C GLU A 643 25.91 -7.69 8.85
N SER A 644 27.20 -7.85 9.15
CA SER A 644 27.89 -9.11 8.91
C SER A 644 29.09 -9.22 9.84
N GLY A 645 29.80 -10.34 9.73
CA GLY A 645 31.01 -10.58 10.49
C GLY A 645 30.87 -11.53 11.66
N GLY A 646 29.71 -12.14 11.86
CA GLY A 646 29.47 -13.01 13.00
C GLY A 646 29.52 -14.48 12.61
N ALA A 647 30.20 -15.27 13.43
CA ALA A 647 30.43 -16.68 13.16
C ALA A 647 30.74 -17.40 14.47
N LEU A 648 31.22 -18.63 14.38
CA LEU A 648 31.57 -19.42 15.54
C LEU A 648 32.77 -18.82 16.27
N VAL A 649 32.75 -18.90 17.60
CA VAL A 649 33.74 -18.23 18.43
C VAL A 649 34.43 -19.27 19.30
N GLN A 650 35.76 -19.28 19.24
CA GLN A 650 36.54 -20.02 20.23
C GLN A 650 36.57 -19.21 21.51
N PRO A 651 36.13 -19.76 22.65
CA PRO A 651 35.92 -18.95 23.86
C PRO A 651 37.20 -18.35 24.43
N GLY A 652 37.10 -17.09 24.86
CA GLY A 652 38.24 -16.33 25.31
C GLY A 652 39.12 -15.88 24.16
N GLY A 653 38.57 -15.07 23.25
CA GLY A 653 39.31 -14.68 22.07
C GLY A 653 38.88 -13.34 21.54
N SER A 654 39.27 -13.07 20.30
CA SER A 654 39.06 -11.78 19.66
C SER A 654 38.51 -11.97 18.25
N LEU A 655 37.44 -11.25 17.95
CA LEU A 655 36.87 -11.19 16.59
C LEU A 655 36.39 -9.77 16.32
N ARG A 656 35.59 -9.62 15.27
CA ARG A 656 35.09 -8.32 14.85
C ARG A 656 33.73 -8.50 14.17
N LEU A 657 32.94 -7.43 14.20
CA LEU A 657 31.66 -7.35 13.50
C LEU A 657 31.61 -6.03 12.74
N SER A 658 30.81 -5.98 11.68
CA SER A 658 30.71 -4.77 10.89
C SER A 658 29.27 -4.57 10.46
N CYS A 659 28.89 -3.31 10.24
CA CYS A 659 27.64 -2.99 9.58
C CYS A 659 27.82 -1.72 8.75
N ALA A 660 27.45 -1.82 7.48
CA ALA A 660 27.51 -0.72 6.53
C ALA A 660 26.12 -0.15 6.32
N ALA A 661 26.07 0.98 5.63
CA ALA A 661 24.85 1.78 5.56
C ALA A 661 24.57 2.19 4.12
N SER A 662 23.31 2.45 3.82
CA SER A 662 22.96 3.11 2.58
C SER A 662 21.68 3.91 2.80
N GLY A 663 21.63 5.08 2.16
CA GLY A 663 20.47 5.95 2.20
C GLY A 663 20.65 7.26 2.94
N PHE A 664 21.79 7.49 3.60
CA PHE A 664 21.99 8.67 4.44
C PHE A 664 23.48 8.89 4.61
N PRO A 665 23.90 10.13 4.87
CA PRO A 665 25.29 10.39 5.24
C PRO A 665 25.50 10.42 6.75
N VAL A 666 26.74 10.11 7.14
CA VAL A 666 27.11 10.01 8.56
C VAL A 666 27.88 11.26 8.98
N ASN A 667 27.70 12.34 8.23
CA ASN A 667 28.39 13.59 8.53
C ASN A 667 27.81 14.32 9.74
N ARG A 668 26.52 14.16 10.02
CA ARG A 668 25.89 14.87 11.13
C ARG A 668 25.04 13.97 12.02
N TYR A 669 25.29 12.66 12.03
CA TYR A 669 24.45 11.72 12.75
C TYR A 669 25.28 10.80 13.63
N SER A 670 24.62 10.27 14.66
CA SER A 670 25.17 9.33 15.61
C SER A 670 24.66 7.92 15.28
N MET A 671 25.15 6.90 16.00
CA MET A 671 24.73 5.54 15.70
C MET A 671 24.93 4.67 16.95
N ARG A 672 24.09 3.64 17.10
CA ARG A 672 24.12 2.80 18.29
C ARG A 672 24.28 1.32 17.91
N TRP A 673 24.75 0.55 18.89
CA TRP A 673 24.91 -0.90 18.79
C TRP A 673 24.18 -1.57 19.94
N TYR A 674 23.22 -2.44 19.60
CA TYR A 674 22.35 -3.14 20.53
C TYR A 674 22.60 -4.65 20.48
N ARG A 675 22.16 -5.34 21.53
CA ARG A 675 22.35 -6.77 21.66
C ARG A 675 21.07 -7.42 22.17
N GLN A 676 20.64 -8.48 21.48
CA GLN A 676 19.52 -9.31 21.91
C GLN A 676 20.05 -10.66 22.36
N ALA A 677 19.94 -10.93 23.66
CA ALA A 677 20.27 -12.20 24.27
C ALA A 677 19.15 -13.20 24.01
N PRO A 678 19.43 -14.51 24.11
CA PRO A 678 18.33 -15.48 24.01
C PRO A 678 17.39 -15.43 25.20
N GLY A 679 16.15 -15.00 24.97
CA GLY A 679 15.12 -15.01 25.98
C GLY A 679 15.07 -13.77 26.85
N LYS A 680 16.00 -12.85 26.70
CA LYS A 680 16.00 -11.60 27.45
C LYS A 680 15.97 -10.43 26.48
N GLU A 681 15.46 -9.30 26.96
CA GLU A 681 15.15 -8.18 26.08
C GLU A 681 16.44 -7.41 25.73
N ARG A 682 16.28 -6.42 24.85
CA ARG A 682 17.41 -5.71 24.25
C ARG A 682 18.17 -4.88 25.28
N GLU A 683 19.42 -4.57 24.95
CA GLU A 683 20.28 -3.86 25.89
C GLU A 683 21.32 -3.09 25.09
N TRP A 684 21.45 -1.80 25.39
CA TRP A 684 22.36 -0.93 24.66
C TRP A 684 23.81 -1.27 25.02
N VAL A 685 24.63 -1.48 23.99
CA VAL A 685 26.03 -1.84 24.16
C VAL A 685 26.94 -0.67 23.84
N ALA A 686 26.86 -0.15 22.63
CA ALA A 686 27.85 0.84 22.20
C ALA A 686 27.16 2.03 21.55
N GLY A 687 27.83 3.16 21.57
CA GLY A 687 27.30 4.33 20.90
C GLY A 687 28.35 5.29 20.40
N MET A 688 28.28 5.61 19.11
CA MET A 688 29.18 6.57 18.48
C MET A 688 28.42 7.88 18.29
N SER A 689 28.96 8.96 18.85
CA SER A 689 28.32 10.26 18.75
C SER A 689 28.51 10.85 17.36
N SER A 690 27.77 11.92 17.09
CA SER A 690 27.84 12.58 15.79
C SER A 690 29.20 13.21 15.56
N ALA A 691 29.78 13.82 16.61
CA ALA A 691 31.14 14.34 16.49
C ALA A 691 32.16 13.23 16.35
N GLY A 692 31.97 12.15 17.09
CA GLY A 692 32.84 11.00 17.00
C GLY A 692 34.13 11.10 17.79
N ASP A 693 34.35 12.21 18.48
CA ASP A 693 35.54 12.33 19.32
C ASP A 693 35.45 11.42 20.53
N ARG A 694 34.25 11.26 21.09
CA ARG A 694 34.02 10.40 22.23
C ARG A 694 33.03 9.31 21.82
N SER A 695 32.82 8.37 22.75
CA SER A 695 31.87 7.29 22.54
C SER A 695 31.35 6.84 23.90
N SER A 696 30.28 6.07 23.86
CA SER A 696 29.63 5.59 25.06
C SER A 696 29.67 4.07 25.06
N TYR A 697 30.09 3.49 26.19
CA TYR A 697 30.22 2.06 26.32
C TYR A 697 29.42 1.57 27.52
N GLU A 698 28.80 0.40 27.35
CA GLU A 698 28.24 -0.34 28.47
C GLU A 698 29.35 -0.70 29.45
N ASP A 699 29.03 -0.62 30.76
CA ASP A 699 30.02 -0.88 31.80
C ASP A 699 30.49 -2.33 31.76
N SER A 700 29.63 -3.24 31.34
CA SER A 700 30.00 -4.65 31.21
C SER A 700 30.94 -4.91 30.04
N VAL A 701 31.09 -3.98 29.10
CA VAL A 701 32.05 -4.13 28.01
C VAL A 701 32.99 -2.93 27.98
N LYS A 702 33.03 -2.16 29.07
CA LYS A 702 33.94 -1.02 29.16
C LYS A 702 35.37 -1.49 29.27
N GLY A 703 36.24 -0.96 28.42
CA GLY A 703 37.61 -1.43 28.30
C GLY A 703 37.78 -2.68 27.49
N ARG A 704 36.72 -3.19 26.86
CA ARG A 704 36.75 -4.42 26.09
C ARG A 704 36.33 -4.24 24.65
N PHE A 705 35.51 -3.25 24.34
CA PHE A 705 34.97 -3.04 23.00
C PHE A 705 35.59 -1.79 22.41
N THR A 706 36.01 -1.87 21.15
CA THR A 706 36.45 -0.71 20.39
C THR A 706 35.49 -0.50 19.24
N ILE A 707 34.83 0.65 19.23
CA ILE A 707 33.96 1.07 18.14
C ILE A 707 34.80 1.94 17.22
N SER A 708 34.59 1.78 15.91
CA SER A 708 35.30 2.60 14.94
C SER A 708 34.38 2.86 13.77
N ARG A 709 34.57 4.00 13.13
CA ARG A 709 33.73 4.42 12.02
C ARG A 709 34.61 4.82 10.84
N ASP A 710 34.23 4.38 9.65
CA ASP A 710 34.83 4.84 8.40
C ASP A 710 33.75 5.58 7.64
N ASP A 711 33.97 6.89 7.44
CA ASP A 711 32.95 7.79 6.95
C ASP A 711 32.78 7.71 5.45
N ALA A 712 33.82 7.30 4.72
CA ALA A 712 33.79 7.32 3.27
C ALA A 712 32.81 6.29 2.73
N ARG A 713 32.87 5.07 3.26
CA ARG A 713 32.02 3.97 2.80
C ARG A 713 30.79 3.77 3.69
N ASN A 714 30.60 4.65 4.68
CA ASN A 714 29.54 4.57 5.69
C ASN A 714 29.54 3.21 6.39
N THR A 715 30.73 2.81 6.84
CA THR A 715 30.88 1.51 7.48
C THR A 715 31.24 1.72 8.95
N VAL A 716 30.72 0.85 9.81
CA VAL A 716 30.98 0.95 11.24
C VAL A 716 31.41 -0.42 11.75
N TYR A 717 32.53 -0.44 12.48
CA TYR A 717 33.18 -1.66 12.92
C TYR A 717 33.13 -1.74 14.44
N LEU A 718 32.95 -2.95 14.98
CA LEU A 718 32.99 -3.17 16.42
C LEU A 718 33.88 -4.37 16.71
N GLN A 719 34.94 -4.15 17.48
CA GLN A 719 35.96 -5.16 17.72
C GLN A 719 36.11 -5.39 19.23
N MET A 720 36.60 -6.57 19.59
CA MET A 720 36.80 -6.90 21.00
C MET A 720 37.92 -7.91 21.15
N ASN A 721 38.23 -8.23 22.40
CA ASN A 721 39.10 -9.34 22.76
C ASN A 721 38.63 -9.95 24.07
N SER A 722 39.00 -11.22 24.28
CA SER A 722 38.65 -12.03 25.46
C SER A 722 37.12 -12.12 25.64
N LEU A 723 36.50 -12.78 24.68
CA LEU A 723 35.05 -12.95 24.69
C LEU A 723 34.63 -13.92 25.77
N LYS A 724 33.42 -13.72 26.30
CA LYS A 724 32.82 -14.42 27.42
C LYS A 724 31.77 -15.42 26.94
N PRO A 725 31.54 -16.50 27.70
CA PRO A 725 30.50 -17.46 27.28
C PRO A 725 29.08 -16.95 27.39
N GLU A 726 28.86 -15.80 28.05
CA GLU A 726 27.54 -15.19 28.05
C GLU A 726 27.30 -14.42 26.75
N ASP A 727 28.34 -14.15 25.97
CA ASP A 727 28.21 -13.33 24.76
C ASP A 727 27.85 -14.20 23.55
N THR A 728 26.78 -14.98 23.72
CA THR A 728 26.15 -15.72 22.64
C THR A 728 24.84 -15.02 22.37
N ALA A 729 24.83 -14.09 21.42
CA ALA A 729 23.68 -13.21 21.25
C ALA A 729 23.71 -12.65 19.83
N VAL A 730 22.67 -11.90 19.49
CA VAL A 730 22.55 -11.32 18.16
C VAL A 730 22.72 -9.82 18.27
N TYR A 731 23.60 -9.26 17.44
CA TYR A 731 23.94 -7.84 17.50
C TYR A 731 23.19 -7.09 16.40
N TYR A 732 22.63 -5.93 16.77
CA TYR A 732 21.92 -5.03 15.87
C TYR A 732 22.63 -3.68 15.81
N CYS A 733 22.48 -3.01 14.67
CA CYS A 733 22.96 -1.64 14.49
C CYS A 733 21.75 -0.73 14.34
N ASN A 734 21.71 0.36 15.11
CA ASN A 734 20.57 1.26 15.15
C ASN A 734 21.00 2.65 14.68
N VAL A 735 20.17 3.25 13.83
CA VAL A 735 20.40 4.62 13.36
C VAL A 735 19.08 5.36 13.48
N ASN A 736 19.16 6.68 13.67
CA ASN A 736 17.98 7.51 13.89
C ASN A 736 18.03 8.71 12.96
N VAL A 737 17.55 8.52 11.73
CA VAL A 737 17.21 9.62 10.82
C VAL A 737 15.75 9.60 10.38
N GLY A 738 14.95 10.50 10.97
CA GLY A 738 13.50 10.49 10.82
C GLY A 738 12.70 9.20 10.95
N PHE A 739 13.20 8.28 11.77
CA PHE A 739 12.50 7.04 12.10
C PHE A 739 13.63 6.46 12.94
N GLU A 740 13.34 5.37 13.64
CA GLU A 740 14.37 4.54 14.27
C GLU A 740 14.56 3.33 13.39
N TYR A 741 15.63 3.32 12.60
CA TYR A 741 15.89 2.23 11.66
C TYR A 741 16.88 1.25 12.26
N TRP A 742 16.59 -0.04 12.11
CA TRP A 742 17.46 -1.10 12.60
C TRP A 742 17.82 -2.03 11.45
N GLY A 743 19.01 -2.63 11.54
CA GLY A 743 19.44 -3.65 10.61
C GLY A 743 18.93 -5.02 11.00
N GLN A 744 19.35 -6.02 10.22
CA GLN A 744 18.93 -7.40 10.48
C GLN A 744 19.64 -7.99 11.67
N GLY A 745 20.94 -7.76 11.79
CA GLY A 745 21.69 -8.24 12.94
C GLY A 745 22.29 -9.61 12.69
N THR A 746 23.39 -9.90 13.40
CA THR A 746 24.13 -11.13 13.16
C THR A 746 24.61 -11.74 14.46
N GLN A 747 24.92 -13.04 14.42
CA GLN A 747 25.04 -13.89 15.59
C GLN A 747 26.48 -14.05 16.04
N VAL A 748 26.68 -14.03 17.35
CA VAL A 748 27.97 -14.33 17.99
C VAL A 748 27.73 -15.48 18.95
N THR A 749 28.34 -16.64 18.66
CA THR A 749 28.13 -17.85 19.45
C THR A 749 29.44 -18.30 20.09
N VAL A 750 29.59 -17.97 21.37
CA VAL A 750 30.79 -18.34 22.12
C VAL A 750 30.53 -19.72 22.68
N SER A 751 31.01 -20.74 21.97
CA SER A 751 30.81 -22.12 22.38
C SER A 751 32.14 -22.83 22.60
#